data_3TQX
#
_entry.id   3TQX
#
_cell.length_a   113.820
_cell.length_b   114.850
_cell.length_c   136.700
_cell.angle_alpha   90.000
_cell.angle_beta   90.000
_cell.angle_gamma   90.000
#
_symmetry.space_group_name_H-M   'C 2 2 21'
#
loop_
_entity.id
_entity.type
_entity.pdbx_description
1 polymer '2-amino-3-ketobutyrate coenzyme A ligase'
2 non-polymer "PYRIDOXAL-5'-PHOSPHATE"
3 water water
#
_entity_poly.entity_id   1
_entity_poly.type   'polypeptide(L)'
_entity_poly.pdbx_seq_one_letter_code
;SNA(MSE)QEILSQLNKEIEGLKKAGLYKSERIITSPQNAEIKVGEKEVLNFCANNYLGLADHPALIKTAQTVVEQYGFG
(MSE)ASVRFICGTQTIHKELEKDISEFLGTDDTILYSSCFDANGGLFETLLGPEDAIISDELNHASIIDGIRLCKAQRY
RYKNNA(MSE)GDLEAKLKEADEKGARFKLIATDGVFS(MSE)DGIIADLKSICDLADKYNALV(MSE)VDDSHAVGFIG
ENGRGTPEYCGVADRVDILTGTLGKALGGASGGYTSGHKEIIEWLRNRSRPYLFSNTVAPVIVATSLKVLELLKTEGPQL
RKQLQENSRYFRAG(MSE)EKLGFQLVPGNHPIIPV(MSE)LGDAQLATN(MSE)ADHLLQEGIYVVGFSYPVVP(MSE)
GKARIRVQ(MSE)SAVHTQQQLDRAIEAFGQVGKKLGAI
;
_entity_poly.pdbx_strand_id   A,B
#
loop_
_chem_comp.id
_chem_comp.type
_chem_comp.name
_chem_comp.formula
PLP non-polymer PYRIDOXAL-5'-PHOSPHATE 'C8 H10 N O6 P'
#
# COMPACT_ATOMS: atom_id res chain seq x y z
N MSE A 4 12.71 -10.18 -24.87
CA MSE A 4 11.79 -10.78 -23.91
C MSE A 4 12.25 -12.18 -23.49
O MSE A 4 12.33 -12.48 -22.29
CB MSE A 4 10.38 -10.87 -24.48
CG MSE A 4 9.42 -11.64 -23.59
SE MSE A 4 9.26 -10.80 -21.84
CE MSE A 4 8.54 -12.32 -20.86
N GLN A 5 12.56 -13.02 -24.47
CA GLN A 5 13.01 -14.38 -24.18
C GLN A 5 14.37 -14.34 -23.49
N GLU A 6 15.19 -13.36 -23.86
CA GLU A 6 16.51 -13.20 -23.29
C GLU A 6 16.47 -13.16 -21.77
N ILE A 7 15.47 -12.47 -21.22
CA ILE A 7 15.34 -12.34 -19.78
C ILE A 7 14.66 -13.55 -19.15
N LEU A 8 13.80 -14.21 -19.90
CA LEU A 8 13.21 -15.46 -19.45
C LEU A 8 14.25 -16.57 -19.48
N SER A 9 15.31 -16.35 -20.26
CA SER A 9 16.45 -17.24 -20.25
C SER A 9 17.30 -16.91 -19.04
N GLN A 10 16.95 -15.83 -18.37
CA GLN A 10 17.69 -15.36 -17.20
C GLN A 10 16.86 -15.50 -15.92
N LEU A 11 15.54 -15.46 -16.05
CA LEU A 11 14.66 -15.61 -14.90
C LEU A 11 14.46 -17.08 -14.53
N ASN A 12 14.13 -17.90 -15.52
CA ASN A 12 13.90 -19.32 -15.28
C ASN A 12 15.10 -20.00 -14.64
N LYS A 13 16.29 -19.69 -15.16
CA LYS A 13 17.53 -20.24 -14.61
C LYS A 13 17.73 -19.84 -13.15
N GLU A 14 17.52 -18.56 -12.86
CA GLU A 14 17.64 -18.06 -11.48
C GLU A 14 16.62 -18.71 -10.57
N ILE A 15 15.40 -18.90 -11.08
CA ILE A 15 14.35 -19.59 -10.34
C ILE A 15 14.77 -21.02 -10.03
N GLU A 16 15.49 -21.64 -10.97
CA GLU A 16 16.04 -22.97 -10.73
C GLU A 16 16.95 -22.94 -9.52
N GLY A 17 17.89 -22.00 -9.53
CA GLY A 17 18.82 -21.82 -8.43
C GLY A 17 18.11 -21.67 -7.10
N LEU A 18 16.99 -20.97 -7.09
CA LEU A 18 16.18 -20.82 -5.88
C LEU A 18 15.65 -22.18 -5.43
N LYS A 19 14.99 -22.88 -6.33
CA LYS A 19 14.44 -24.20 -6.03
C LYS A 19 15.55 -25.19 -5.68
N LYS A 20 16.67 -25.08 -6.38
CA LYS A 20 17.80 -25.99 -6.16
C LYS A 20 18.67 -25.54 -4.99
N ALA A 21 18.18 -24.54 -4.26
CA ALA A 21 18.84 -24.09 -3.04
C ALA A 21 17.85 -24.02 -1.89
N GLY A 22 16.70 -24.66 -2.06
CA GLY A 22 15.65 -24.66 -1.07
C GLY A 22 15.17 -23.26 -0.74
N LEU A 23 15.00 -22.45 -1.78
CA LEU A 23 14.60 -21.06 -1.58
C LEU A 23 13.41 -20.65 -2.46
N TYR A 24 12.63 -21.63 -2.89
CA TYR A 24 11.44 -21.34 -3.69
C TYR A 24 10.22 -21.14 -2.81
N LYS A 25 9.73 -19.90 -2.76
CA LYS A 25 8.54 -19.58 -1.97
C LYS A 25 7.27 -20.11 -2.65
N SER A 26 6.77 -21.23 -2.16
CA SER A 26 5.50 -21.77 -2.61
C SER A 26 4.45 -21.56 -1.53
N GLU A 27 3.32 -20.98 -1.91
CA GLU A 27 2.32 -20.58 -0.93
C GLU A 27 1.29 -21.68 -0.60
N ARG A 28 0.99 -21.82 0.68
CA ARG A 28 -0.10 -22.67 1.14
C ARG A 28 -1.42 -21.93 0.98
N ILE A 29 -2.49 -22.67 0.67
CA ILE A 29 -3.81 -22.06 0.50
C ILE A 29 -4.68 -22.23 1.73
N ILE A 30 -4.96 -21.13 2.42
CA ILE A 30 -5.83 -21.15 3.58
C ILE A 30 -7.29 -21.16 3.15
N THR A 31 -7.99 -22.26 3.45
CA THR A 31 -9.37 -22.44 3.02
C THR A 31 -10.38 -22.13 4.12
N SER A 32 -10.09 -21.08 4.89
CA SER A 32 -10.98 -20.66 5.98
C SER A 32 -10.61 -19.26 6.43
N PRO A 33 -11.52 -18.59 7.16
CA PRO A 33 -11.21 -17.30 7.77
C PRO A 33 -10.01 -17.44 8.70
N GLN A 34 -9.45 -16.32 9.14
CA GLN A 34 -8.28 -16.34 10.01
C GLN A 34 -8.70 -16.56 11.46
N ASN A 35 -8.26 -17.69 12.03
CA ASN A 35 -8.58 -18.04 13.41
C ASN A 35 -7.51 -18.90 14.05
N ALA A 36 -7.74 -19.28 15.30
CA ALA A 36 -6.86 -20.19 16.01
C ALA A 36 -6.86 -21.51 15.27
N GLU A 37 -8.07 -21.96 14.91
CA GLU A 37 -8.25 -23.14 14.08
C GLU A 37 -8.49 -22.70 12.63
N ILE A 38 -7.70 -23.26 11.72
CA ILE A 38 -7.84 -22.95 10.31
C ILE A 38 -7.79 -24.20 9.46
N LYS A 39 -8.15 -24.05 8.18
CA LYS A 39 -8.03 -25.13 7.21
C LYS A 39 -6.94 -24.80 6.19
N VAL A 40 -5.86 -25.58 6.23
CA VAL A 40 -4.80 -25.45 5.24
C VAL A 40 -4.97 -26.60 4.25
N GLY A 41 -5.35 -26.28 3.02
CA GLY A 41 -5.78 -27.29 2.08
C GLY A 41 -7.10 -27.86 2.56
N GLU A 42 -7.12 -29.17 2.84
CA GLU A 42 -8.30 -29.80 3.42
C GLU A 42 -8.07 -30.11 4.89
N LYS A 43 -6.86 -29.80 5.37
CA LYS A 43 -6.45 -30.14 6.72
C LYS A 43 -6.79 -29.05 7.74
N GLU A 44 -7.59 -29.41 8.73
CA GLU A 44 -7.87 -28.50 9.85
C GLU A 44 -6.69 -28.49 10.82
N VAL A 45 -6.01 -27.35 10.93
CA VAL A 45 -4.83 -27.25 11.79
C VAL A 45 -4.92 -26.06 12.73
N LEU A 46 -4.17 -26.12 13.82
CA LEU A 46 -4.04 -24.99 14.72
C LEU A 46 -3.08 -23.98 14.12
N ASN A 47 -3.39 -22.70 14.28
CA ASN A 47 -2.57 -21.66 13.68
C ASN A 47 -1.68 -20.93 14.68
N PHE A 48 -0.37 -21.07 14.48
CA PHE A 48 0.62 -20.31 15.24
C PHE A 48 1.52 -19.57 14.26
N CYS A 49 0.93 -19.06 13.18
CA CYS A 49 1.69 -18.38 12.14
C CYS A 49 1.34 -16.90 11.98
N ALA A 50 0.04 -16.59 12.10
CA ALA A 50 -0.44 -15.25 11.79
C ALA A 50 -0.13 -14.20 12.86
N ASN A 51 -0.10 -12.95 12.43
CA ASN A 51 0.10 -11.83 13.34
C ASN A 51 -1.22 -11.41 13.95
N ASN A 52 -2.14 -12.36 14.05
CA ASN A 52 -3.44 -12.14 14.65
C ASN A 52 -3.32 -12.12 16.16
N TYR A 53 -2.54 -11.18 16.68
CA TYR A 53 -2.18 -11.14 18.09
C TYR A 53 -3.36 -11.17 19.06
N LEU A 54 -4.46 -10.53 18.69
CA LEU A 54 -5.62 -10.43 19.58
C LEU A 54 -6.82 -11.21 19.07
N GLY A 55 -6.64 -11.91 17.96
CA GLY A 55 -7.71 -12.71 17.37
C GLY A 55 -8.85 -11.86 16.85
N LEU A 56 -8.51 -10.71 16.27
CA LEU A 56 -9.51 -9.79 15.75
C LEU A 56 -9.80 -10.05 14.28
N ALA A 57 -8.93 -10.82 13.64
CA ALA A 57 -9.06 -11.11 12.21
C ALA A 57 -10.45 -11.57 11.83
N ASP A 58 -11.06 -12.39 12.68
CA ASP A 58 -12.40 -12.91 12.42
C ASP A 58 -13.33 -12.65 13.61
N HIS A 59 -13.13 -11.52 14.29
CA HIS A 59 -13.97 -11.16 15.43
C HIS A 59 -15.37 -10.81 14.95
N PRO A 60 -16.39 -11.46 15.52
CA PRO A 60 -17.78 -11.32 15.06
C PRO A 60 -18.26 -9.86 15.10
N ALA A 61 -17.94 -9.15 16.17
CA ALA A 61 -18.32 -7.75 16.30
C ALA A 61 -17.76 -6.91 15.15
N LEU A 62 -16.60 -7.30 14.65
CA LEU A 62 -15.95 -6.58 13.56
C LEU A 62 -16.55 -6.91 12.20
N ILE A 63 -16.88 -8.18 11.97
CA ILE A 63 -17.48 -8.59 10.71
C ILE A 63 -18.91 -8.08 10.56
N LYS A 64 -19.61 -7.95 11.69
CA LYS A 64 -20.92 -7.33 11.71
C LYS A 64 -20.79 -5.85 11.32
N THR A 65 -19.92 -5.15 12.03
CA THR A 65 -19.64 -3.74 11.75
C THR A 65 -19.27 -3.57 10.28
N ALA A 66 -18.38 -4.44 9.81
CA ALA A 66 -17.95 -4.43 8.42
C ALA A 66 -19.14 -4.49 7.47
N GLN A 67 -20.09 -5.37 7.77
CA GLN A 67 -21.29 -5.53 6.94
C GLN A 67 -22.20 -4.31 7.02
N THR A 68 -22.18 -3.62 8.16
CA THR A 68 -22.99 -2.42 8.35
C THR A 68 -22.38 -1.22 7.64
N VAL A 69 -21.09 -1.01 7.84
CA VAL A 69 -20.40 0.17 7.34
C VAL A 69 -20.19 0.18 5.83
N VAL A 70 -19.94 -1.00 5.26
CA VAL A 70 -19.74 -1.11 3.81
C VAL A 70 -20.95 -0.56 3.06
N GLU A 71 -22.13 -0.76 3.63
CA GLU A 71 -23.36 -0.26 3.06
C GLU A 71 -23.52 1.22 3.39
N GLN A 72 -23.15 1.57 4.62
CA GLN A 72 -23.30 2.93 5.11
C GLN A 72 -22.39 3.92 4.37
N TYR A 73 -21.19 3.48 4.03
CA TYR A 73 -20.19 4.37 3.44
C TYR A 73 -19.81 4.00 2.01
N GLY A 74 -20.36 2.91 1.51
CA GLY A 74 -20.04 2.44 0.17
C GLY A 74 -18.83 1.53 0.19
N PHE A 75 -18.45 1.02 -0.98
CA PHE A 75 -17.35 0.06 -1.08
C PHE A 75 -16.01 0.73 -1.36
N GLY A 76 -16.04 1.78 -2.18
CA GLY A 76 -14.82 2.47 -2.55
C GLY A 76 -15.03 3.97 -2.73
N MSE A 77 -13.93 4.71 -2.71
CA MSE A 77 -13.96 6.16 -2.87
C MSE A 77 -13.37 6.56 -4.22
O MSE A 77 -13.67 7.63 -4.74
CB MSE A 77 -13.20 6.84 -1.74
CG MSE A 77 -13.82 6.67 -0.39
SE MSE A 77 -15.65 7.33 -0.37
CE MSE A 77 -15.28 9.24 -0.54
N ALA A 78 -12.54 5.67 -4.77
CA ALA A 78 -11.91 5.91 -6.06
C ALA A 78 -11.31 7.31 -6.16
N SER A 79 -10.40 7.63 -5.24
CA SER A 79 -9.80 8.95 -5.17
C SER A 79 -8.79 9.03 -4.04
N VAL A 80 -7.81 9.93 -4.19
CA VAL A 80 -6.87 10.21 -3.13
C VAL A 80 -7.55 11.08 -2.08
N ARG A 81 -7.07 11.01 -0.84
CA ARG A 81 -7.65 11.77 0.27
C ARG A 81 -7.94 13.23 -0.11
N PHE A 82 -6.97 13.87 -0.77
CA PHE A 82 -7.07 15.29 -1.09
C PHE A 82 -8.28 15.63 -1.96
N ILE A 83 -8.46 14.89 -3.06
CA ILE A 83 -9.52 15.20 -4.02
C ILE A 83 -10.91 14.98 -3.44
N CYS A 84 -11.37 13.73 -3.46
CA CYS A 84 -12.68 13.39 -2.92
C CYS A 84 -12.65 12.03 -2.22
N GLY A 85 -11.52 11.72 -1.58
CA GLY A 85 -11.34 10.45 -0.93
C GLY A 85 -11.29 10.52 0.58
N THR A 86 -11.52 11.71 1.12
CA THR A 86 -11.53 11.90 2.56
C THR A 86 -12.95 11.92 3.11
N GLN A 87 -13.20 11.12 4.14
CA GLN A 87 -14.52 11.05 4.74
C GLN A 87 -14.47 11.32 6.25
N THR A 88 -15.65 11.41 6.86
CA THR A 88 -15.75 11.64 8.30
C THR A 88 -15.05 10.54 9.07
N ILE A 89 -15.06 9.33 8.52
CA ILE A 89 -14.41 8.18 9.14
C ILE A 89 -12.91 8.42 9.25
N HIS A 90 -12.30 8.79 8.12
CA HIS A 90 -10.86 8.96 8.04
C HIS A 90 -10.31 9.94 9.08
N LYS A 91 -10.91 11.11 9.17
CA LYS A 91 -10.48 12.10 10.15
C LYS A 91 -10.74 11.59 11.57
N GLU A 92 -11.84 10.87 11.74
CA GLU A 92 -12.22 10.34 13.04
C GLU A 92 -11.27 9.24 13.50
N LEU A 93 -10.88 8.38 12.57
CA LEU A 93 -9.95 7.30 12.88
C LEU A 93 -8.59 7.86 13.22
N GLU A 94 -8.11 8.80 12.41
CA GLU A 94 -6.84 9.46 12.67
C GLU A 94 -6.89 10.18 14.00
N LYS A 95 -8.07 10.73 14.33
CA LYS A 95 -8.28 11.43 15.60
C LYS A 95 -8.26 10.46 16.78
N ASP A 96 -8.82 9.27 16.59
CA ASP A 96 -8.88 8.28 17.66
C ASP A 96 -7.53 7.59 17.91
N ILE A 97 -6.84 7.25 16.83
CA ILE A 97 -5.52 6.64 16.95
C ILE A 97 -4.60 7.55 17.75
N SER A 98 -4.71 8.85 17.51
CA SER A 98 -3.91 9.83 18.22
C SER A 98 -4.29 9.84 19.71
N GLU A 99 -5.58 9.72 19.99
CA GLU A 99 -6.05 9.65 21.37
C GLU A 99 -5.55 8.38 22.05
N PHE A 100 -5.61 7.27 21.31
CA PHE A 100 -5.15 5.99 21.82
C PHE A 100 -3.66 6.00 22.15
N LEU A 101 -2.85 6.46 21.20
CA LEU A 101 -1.40 6.50 21.37
C LEU A 101 -0.98 7.70 22.21
N GLY A 102 -1.85 8.71 22.28
CA GLY A 102 -1.55 9.93 23.01
C GLY A 102 -0.64 10.83 22.20
N THR A 103 -1.07 11.19 21.00
CA THR A 103 -0.29 12.06 20.13
C THR A 103 -1.16 13.18 19.54
N ASP A 104 -0.52 14.14 18.89
CA ASP A 104 -1.21 15.30 18.35
C ASP A 104 -2.14 14.95 17.18
N ASP A 105 -1.62 14.20 16.21
CA ASP A 105 -2.41 13.80 15.05
C ASP A 105 -1.83 12.55 14.38
N THR A 106 -2.63 11.92 13.53
CA THR A 106 -2.21 10.72 12.79
C THR A 106 -2.51 10.87 11.30
N ILE A 107 -1.65 10.31 10.46
CA ILE A 107 -1.88 10.32 9.02
C ILE A 107 -2.12 8.90 8.50
N LEU A 108 -3.20 8.73 7.74
CA LEU A 108 -3.62 7.41 7.29
C LEU A 108 -2.96 7.00 5.97
N TYR A 109 -2.48 5.76 5.92
CA TYR A 109 -1.91 5.21 4.69
C TYR A 109 -2.61 3.89 4.36
N SER A 110 -2.39 3.39 3.14
CA SER A 110 -2.95 2.10 2.76
C SER A 110 -2.23 0.98 3.50
N SER A 111 -1.07 1.31 4.07
CA SER A 111 -0.27 0.34 4.81
C SER A 111 0.78 1.04 5.66
N CYS A 112 1.46 0.27 6.50
CA CYS A 112 2.60 0.81 7.24
C CYS A 112 3.82 0.80 6.34
N PHE A 113 3.78 -0.06 5.33
CA PHE A 113 4.84 -0.13 4.33
C PHE A 113 4.96 1.19 3.59
N ASP A 114 3.82 1.74 3.18
CA ASP A 114 3.79 3.04 2.52
C ASP A 114 4.06 4.15 3.52
N ALA A 115 3.56 3.99 4.74
CA ALA A 115 3.75 4.98 5.79
C ALA A 115 5.22 5.24 6.03
N ASN A 116 6.03 4.19 5.93
CA ASN A 116 7.47 4.30 6.10
C ASN A 116 8.15 4.82 4.83
N GLY A 117 7.63 4.42 3.67
CA GLY A 117 8.15 4.89 2.41
C GLY A 117 7.93 6.39 2.25
N GLY A 118 6.88 6.90 2.89
CA GLY A 118 6.55 8.31 2.81
C GLY A 118 6.74 9.02 4.14
N LEU A 119 7.92 8.87 4.72
CA LEU A 119 8.23 9.53 5.98
C LEU A 119 9.51 10.36 5.86
N PHE A 120 10.63 9.68 5.62
CA PHE A 120 11.93 10.32 5.61
C PHE A 120 12.10 11.32 4.46
N GLU A 121 11.88 10.87 3.23
CA GLU A 121 12.01 11.73 2.06
C GLU A 121 11.30 13.05 2.28
N THR A 122 10.14 12.99 2.93
CA THR A 122 9.34 14.17 3.17
C THR A 122 9.95 15.06 4.25
N LEU A 123 10.47 14.42 5.30
CA LEU A 123 10.94 15.16 6.46
C LEU A 123 12.41 15.56 6.39
N LEU A 124 13.28 14.61 6.05
CA LEU A 124 14.72 14.88 6.04
C LEU A 124 15.30 15.04 4.64
N GLY A 125 16.32 15.88 4.53
CA GLY A 125 17.00 16.11 3.27
C GLY A 125 18.48 15.78 3.35
N PRO A 126 19.27 16.30 2.40
CA PRO A 126 20.70 16.02 2.31
C PRO A 126 21.48 16.54 3.50
N GLU A 127 21.03 17.65 4.08
CA GLU A 127 21.73 18.28 5.19
C GLU A 127 21.47 17.56 6.50
N ASP A 128 20.88 16.37 6.41
CA ASP A 128 20.47 15.64 7.62
C ASP A 128 21.06 14.24 7.69
N ALA A 129 20.71 13.50 8.74
CA ALA A 129 21.24 12.16 8.93
C ALA A 129 20.23 11.22 9.58
N ILE A 130 20.08 10.04 8.99
CA ILE A 130 19.25 8.99 9.56
C ILE A 130 20.16 7.93 10.18
N ILE A 131 19.76 7.41 11.34
CA ILE A 131 20.54 6.39 12.02
C ILE A 131 19.65 5.18 12.33
N SER A 132 19.91 4.08 11.63
CA SER A 132 19.02 2.92 11.67
C SER A 132 19.63 1.71 12.36
N ASP A 133 18.79 0.97 13.07
CA ASP A 133 19.16 -0.32 13.62
C ASP A 133 19.27 -1.30 12.45
N GLU A 134 20.29 -2.15 12.50
CA GLU A 134 20.55 -3.08 11.40
C GLU A 134 19.30 -3.82 10.95
N LEU A 135 18.55 -4.34 11.91
CA LEU A 135 17.42 -5.21 11.61
C LEU A 135 16.08 -4.49 11.50
N ASN A 136 16.11 -3.21 11.18
CA ASN A 136 14.88 -2.47 10.91
C ASN A 136 14.10 -3.14 9.79
N HIS A 137 12.78 -2.91 9.76
CA HIS A 137 11.93 -3.52 8.73
C HIS A 137 12.41 -3.10 7.35
N ALA A 138 11.95 -3.81 6.32
CA ALA A 138 12.33 -3.52 4.95
C ALA A 138 11.75 -2.17 4.49
N SER A 139 10.52 -1.89 4.89
CA SER A 139 9.84 -0.65 4.54
C SER A 139 10.65 0.57 5.01
N ILE A 140 11.17 0.48 6.22
CA ILE A 140 12.06 1.50 6.76
C ILE A 140 13.27 1.63 5.84
N ILE A 141 13.89 0.50 5.55
CA ILE A 141 15.07 0.44 4.72
C ILE A 141 14.86 1.14 3.37
N ASP A 142 13.69 0.91 2.77
CA ASP A 142 13.39 1.50 1.47
C ASP A 142 12.88 2.94 1.56
N GLY A 143 12.41 3.32 2.75
CA GLY A 143 11.99 4.69 2.96
C GLY A 143 13.20 5.59 3.12
N ILE A 144 14.27 5.00 3.63
CA ILE A 144 15.54 5.70 3.85
C ILE A 144 16.31 5.86 2.55
N ARG A 145 16.24 4.83 1.71
CA ARG A 145 16.85 4.87 0.40
C ARG A 145 16.24 5.98 -0.45
N LEU A 146 14.97 6.25 -0.23
CA LEU A 146 14.31 7.39 -0.85
C LEU A 146 14.51 8.62 0.02
N CYS A 147 15.78 8.97 0.26
CA CYS A 147 16.11 10.10 1.12
C CYS A 147 17.55 10.55 0.92
N LYS A 148 17.74 11.86 0.81
CA LYS A 148 19.07 12.42 0.58
C LYS A 148 19.91 12.49 1.85
N ALA A 149 19.28 12.27 3.00
CA ALA A 149 19.98 12.33 4.29
C ALA A 149 21.15 11.35 4.35
N GLN A 150 22.10 11.63 5.23
CA GLN A 150 23.20 10.72 5.47
C GLN A 150 22.71 9.49 6.23
N ARG A 151 23.22 8.33 5.85
CA ARG A 151 22.72 7.07 6.39
C ARG A 151 23.75 6.38 7.28
N TYR A 152 23.32 6.02 8.49
CA TYR A 152 24.16 5.31 9.44
C TYR A 152 23.40 4.12 9.99
N ARG A 153 24.04 2.96 10.03
CA ARG A 153 23.39 1.77 10.55
C ARG A 153 24.19 1.14 11.69
N TYR A 154 23.57 1.04 12.86
CA TYR A 154 24.23 0.52 14.05
C TYR A 154 23.75 -0.88 14.40
N LYS A 155 24.60 -1.64 15.10
CA LYS A 155 24.27 -3.00 15.50
C LYS A 155 22.97 -3.08 16.28
N ASN A 156 22.28 -4.21 16.15
CA ASN A 156 20.99 -4.42 16.80
C ASN A 156 21.06 -4.26 18.32
N ASN A 157 20.37 -3.26 18.83
CA ASN A 157 20.38 -2.94 20.26
C ASN A 157 21.78 -2.80 20.84
N ALA A 158 22.62 -2.02 20.18
CA ALA A 158 23.93 -1.67 20.70
C ALA A 158 23.94 -0.18 21.02
N MSE A 159 24.17 0.16 22.28
CA MSE A 159 23.93 1.52 22.77
C MSE A 159 25.14 2.43 23.05
O MSE A 159 24.95 3.50 23.63
CB MSE A 159 23.06 1.46 24.04
CG MSE A 159 21.75 0.68 23.90
SE MSE A 159 20.40 1.54 22.79
CE MSE A 159 20.74 0.63 21.11
N GLY A 160 26.35 2.06 22.64
CA GLY A 160 26.65 0.89 21.84
C GLY A 160 27.14 1.29 20.47
N ASP A 161 26.72 0.55 19.45
CA ASP A 161 27.04 0.90 18.07
C ASP A 161 26.26 2.15 17.68
N LEU A 162 25.18 2.41 18.42
CA LEU A 162 24.32 3.56 18.19
C LEU A 162 25.03 4.87 18.51
N GLU A 163 25.52 5.00 19.74
CA GLU A 163 26.17 6.22 20.16
C GLU A 163 27.35 6.55 19.26
N ALA A 164 28.12 5.52 18.89
CA ALA A 164 29.23 5.70 17.97
C ALA A 164 28.73 6.21 16.62
N LYS A 165 27.50 5.83 16.28
CA LYS A 165 26.88 6.28 15.04
C LYS A 165 26.36 7.70 15.20
N LEU A 166 25.98 8.05 16.42
CA LEU A 166 25.52 9.39 16.73
C LEU A 166 26.68 10.38 16.70
N LYS A 167 27.79 10.02 17.35
CA LYS A 167 28.98 10.85 17.33
C LYS A 167 29.45 11.04 15.89
N GLU A 168 29.62 9.93 15.18
CA GLU A 168 30.07 9.96 13.79
C GLU A 168 29.22 10.91 12.96
N ALA A 169 27.90 10.85 13.17
CA ALA A 169 26.97 11.71 12.45
C ALA A 169 27.00 13.12 13.01
N ASP A 170 26.95 13.24 14.34
CA ASP A 170 26.98 14.53 15.01
C ASP A 170 28.22 15.31 14.63
N GLU A 171 29.33 14.59 14.48
CA GLU A 171 30.62 15.21 14.20
C GLU A 171 30.87 15.43 12.70
N LYS A 172 29.90 15.05 11.88
CA LYS A 172 29.98 15.30 10.45
C LYS A 172 29.27 16.60 10.08
N GLY A 173 28.33 17.01 10.93
CA GLY A 173 27.59 18.24 10.71
C GLY A 173 26.19 17.99 10.22
N ALA A 174 25.44 17.19 10.97
CA ALA A 174 24.05 16.91 10.64
C ALA A 174 23.12 17.98 11.20
N ARG A 175 22.23 18.48 10.36
CA ARG A 175 21.24 19.48 10.79
C ARG A 175 20.19 18.83 11.68
N PHE A 176 19.54 17.79 11.17
CA PHE A 176 18.58 17.02 11.93
C PHE A 176 18.99 15.55 11.99
N LYS A 177 18.97 14.98 13.19
CA LYS A 177 19.31 13.57 13.35
C LYS A 177 18.11 12.74 13.82
N LEU A 178 17.67 11.80 12.99
CA LEU A 178 16.55 10.94 13.33
C LEU A 178 17.00 9.52 13.64
N ILE A 179 16.54 9.00 14.78
CA ILE A 179 16.84 7.63 15.18
C ILE A 179 15.68 6.70 14.84
N ALA A 180 15.86 5.89 13.80
CA ALA A 180 14.83 4.97 13.34
C ALA A 180 15.06 3.56 13.88
N THR A 181 13.97 2.90 14.28
CA THR A 181 14.07 1.56 14.86
C THR A 181 12.70 0.90 15.00
N ASP A 182 12.67 -0.42 14.91
CA ASP A 182 11.45 -1.17 15.18
C ASP A 182 11.23 -1.28 16.69
N GLY A 183 9.97 -1.27 17.11
CA GLY A 183 9.66 -1.44 18.52
C GLY A 183 10.01 -2.85 18.99
N VAL A 184 9.78 -3.83 18.12
CA VAL A 184 10.12 -5.22 18.38
C VAL A 184 10.83 -5.81 17.18
N PHE A 185 11.69 -6.79 17.42
CA PHE A 185 12.42 -7.45 16.33
C PHE A 185 11.74 -8.75 15.93
N SER A 186 11.15 -8.76 14.74
CA SER A 186 10.24 -9.82 14.30
C SER A 186 10.81 -11.23 14.40
N MSE A 187 12.14 -11.37 14.42
CA MSE A 187 12.76 -12.69 14.46
C MSE A 187 13.18 -13.10 15.87
O MSE A 187 13.43 -14.28 16.12
CB MSE A 187 13.95 -12.75 13.51
CG MSE A 187 13.60 -12.65 12.03
SE MSE A 187 12.52 -14.14 11.37
CE MSE A 187 10.75 -13.41 11.68
N ASP A 188 13.25 -12.13 16.77
CA ASP A 188 13.72 -12.40 18.14
C ASP A 188 12.58 -12.38 19.16
N GLY A 189 11.60 -11.51 18.94
CA GLY A 189 10.58 -11.24 19.92
C GLY A 189 11.17 -10.33 20.98
N ILE A 190 12.34 -9.79 20.68
CA ILE A 190 13.04 -8.87 21.56
C ILE A 190 12.50 -7.46 21.40
N ILE A 191 12.21 -6.81 22.52
CA ILE A 191 11.73 -5.43 22.50
C ILE A 191 12.90 -4.45 22.60
N ALA A 192 12.82 -3.36 21.83
CA ALA A 192 13.90 -2.39 21.75
C ALA A 192 14.12 -1.63 23.06
N ASP A 193 15.33 -1.10 23.22
CA ASP A 193 15.68 -0.34 24.42
C ASP A 193 15.39 1.15 24.21
N LEU A 194 14.12 1.53 24.28
CA LEU A 194 13.74 2.93 24.08
C LEU A 194 14.36 3.85 25.12
N LYS A 195 14.33 3.43 26.38
CA LYS A 195 14.94 4.21 27.46
C LYS A 195 16.33 4.67 27.08
N SER A 196 17.21 3.71 26.81
CA SER A 196 18.59 4.03 26.41
C SER A 196 18.61 4.85 25.13
N ILE A 197 17.83 4.42 24.14
CA ILE A 197 17.76 5.12 22.86
C ILE A 197 17.36 6.58 23.05
N CYS A 198 16.31 6.80 23.83
CA CYS A 198 15.85 8.16 24.11
C CYS A 198 16.90 8.94 24.90
N ASP A 199 17.50 8.29 25.90
CA ASP A 199 18.58 8.90 26.67
C ASP A 199 19.71 9.38 25.76
N LEU A 200 19.91 8.68 24.65
CA LEU A 200 20.94 9.07 23.69
C LEU A 200 20.46 10.21 22.79
N ALA A 201 19.18 10.18 22.44
CA ALA A 201 18.59 11.21 21.59
C ALA A 201 18.75 12.60 22.21
N ASP A 202 18.78 12.63 23.54
CA ASP A 202 18.89 13.87 24.29
C ASP A 202 20.30 14.47 24.22
N LYS A 203 21.30 13.64 24.53
CA LYS A 203 22.69 14.10 24.53
C LYS A 203 23.17 14.54 23.14
N TYR A 204 22.60 13.96 22.10
CA TYR A 204 23.01 14.29 20.74
C TYR A 204 21.95 15.09 19.99
N ASN A 205 20.94 15.54 20.71
CA ASN A 205 19.86 16.32 20.12
C ASN A 205 19.33 15.69 18.83
N ALA A 206 18.68 14.55 18.98
CA ALA A 206 18.16 13.81 17.83
C ALA A 206 16.68 13.50 17.99
N LEU A 207 16.06 13.07 16.89
CA LEU A 207 14.66 12.66 16.91
C LEU A 207 14.56 11.15 17.08
N VAL A 208 13.41 10.68 17.58
CA VAL A 208 13.20 9.25 17.80
C VAL A 208 11.99 8.72 17.03
N MSE A 209 12.24 7.86 16.06
CA MSE A 209 11.18 7.21 15.29
C MSE A 209 11.08 5.73 15.67
O MSE A 209 12.10 5.06 15.77
CB MSE A 209 11.45 7.38 13.79
CG MSE A 209 10.42 6.71 12.87
SE MSE A 209 10.86 4.86 12.45
CE MSE A 209 9.29 4.41 11.38
N VAL A 210 9.86 5.26 15.87
CA VAL A 210 9.64 3.88 16.30
C VAL A 210 8.51 3.21 15.52
N ASP A 211 8.86 2.19 14.73
CA ASP A 211 7.87 1.39 14.02
C ASP A 211 7.28 0.35 14.98
N ASP A 212 6.04 0.58 15.41
CA ASP A 212 5.43 -0.23 16.47
C ASP A 212 4.43 -1.27 15.96
N SER A 213 4.67 -1.80 14.76
CA SER A 213 3.76 -2.77 14.16
C SER A 213 3.52 -4.01 15.03
N HIS A 214 4.60 -4.65 15.46
CA HIS A 214 4.50 -5.85 16.30
C HIS A 214 4.35 -5.50 17.77
N ALA A 215 3.79 -4.34 18.07
CA ALA A 215 3.64 -3.92 19.46
C ALA A 215 2.30 -3.22 19.75
N VAL A 216 1.90 -2.32 18.85
CA VAL A 216 0.68 -1.55 19.04
C VAL A 216 -0.57 -2.45 19.13
N GLY A 217 -1.26 -2.39 20.26
CA GLY A 217 -2.49 -3.15 20.43
C GLY A 217 -2.45 -4.12 21.60
N PHE A 218 -1.25 -4.55 21.98
CA PHE A 218 -1.10 -5.56 23.02
C PHE A 218 0.10 -5.32 23.95
N ILE A 219 1.13 -4.66 23.43
CA ILE A 219 2.31 -4.37 24.24
C ILE A 219 2.11 -3.14 25.11
N GLY A 220 2.54 -3.24 26.36
CA GLY A 220 2.39 -2.14 27.31
C GLY A 220 1.17 -2.32 28.18
N GLU A 221 1.14 -1.61 29.30
CA GLU A 221 0.04 -1.74 30.25
C GLU A 221 -1.32 -1.61 29.57
N ASN A 222 -1.49 -0.54 28.79
CA ASN A 222 -2.74 -0.31 28.09
C ASN A 222 -2.68 -0.73 26.62
N GLY A 223 -1.65 -1.51 26.29
CA GLY A 223 -1.49 -2.00 24.94
C GLY A 223 -1.21 -0.90 23.92
N ARG A 224 -0.42 0.08 24.34
CA ARG A 224 -0.08 1.20 23.46
C ARG A 224 1.20 0.94 22.68
N GLY A 225 2.05 0.06 23.20
CA GLY A 225 3.26 -0.33 22.51
C GLY A 225 4.55 -0.09 23.25
N THR A 226 5.65 0.00 22.51
CA THR A 226 6.99 0.11 23.09
C THR A 226 7.21 1.36 23.96
N PRO A 227 6.73 2.52 23.49
CA PRO A 227 6.88 3.74 24.30
C PRO A 227 6.30 3.59 25.70
N GLU A 228 5.10 3.02 25.77
CA GLU A 228 4.45 2.81 27.07
C GLU A 228 5.19 1.74 27.86
N TYR A 229 5.70 0.73 27.16
CA TYR A 229 6.42 -0.38 27.78
C TYR A 229 7.70 0.10 28.46
N CYS A 230 8.51 0.84 27.72
CA CYS A 230 9.80 1.29 28.21
C CYS A 230 9.66 2.53 29.10
N GLY A 231 8.45 3.05 29.22
CA GLY A 231 8.20 4.22 30.05
C GLY A 231 8.88 5.46 29.51
N VAL A 232 8.85 5.63 28.20
CA VAL A 232 9.47 6.77 27.55
C VAL A 232 8.43 7.59 26.78
N ALA A 233 7.15 7.35 27.06
CA ALA A 233 6.08 8.08 26.40
C ALA A 233 6.41 9.56 26.26
N ASP A 234 6.11 10.12 25.10
CA ASP A 234 6.35 11.54 24.80
C ASP A 234 7.82 11.85 24.53
N ARG A 235 8.64 10.80 24.48
CA ARG A 235 10.05 10.96 24.12
C ARG A 235 10.25 10.53 22.66
N VAL A 236 9.31 9.72 22.17
CA VAL A 236 9.34 9.24 20.80
C VAL A 236 8.68 10.23 19.86
N ASP A 237 9.48 10.83 18.98
CA ASP A 237 9.01 11.87 18.08
C ASP A 237 8.04 11.35 17.01
N ILE A 238 8.37 10.20 16.45
CA ILE A 238 7.55 9.62 15.37
C ILE A 238 7.08 8.20 15.66
N LEU A 239 5.81 7.94 15.41
CA LEU A 239 5.23 6.61 15.62
C LEU A 239 4.50 6.10 14.38
N THR A 240 5.09 5.11 13.72
CA THR A 240 4.44 4.45 12.58
C THR A 240 3.86 3.12 13.04
N GLY A 241 2.99 2.54 12.21
CA GLY A 241 2.37 1.26 12.55
C GLY A 241 1.40 0.79 11.49
N THR A 242 1.05 -0.50 11.56
CA THR A 242 0.10 -1.09 10.61
C THR A 242 -1.24 -1.37 11.29
N LEU A 243 -2.22 -1.78 10.49
CA LEU A 243 -3.49 -2.25 11.02
C LEU A 243 -3.71 -3.69 10.55
N GLY A 244 -2.79 -4.17 9.72
CA GLY A 244 -2.88 -5.52 9.21
C GLY A 244 -2.18 -6.52 10.11
N LYS A 245 -2.12 -6.19 11.40
CA LYS A 245 -1.46 -7.05 12.37
C LYS A 245 -2.36 -7.33 13.57
N ALA A 246 -2.11 -6.62 14.67
CA ALA A 246 -2.90 -6.84 15.89
C ALA A 246 -4.29 -6.24 15.77
N LEU A 247 -4.43 -5.24 14.89
CA LEU A 247 -5.66 -4.46 14.80
C LEU A 247 -6.50 -4.82 13.57
N GLY A 248 -7.20 -5.94 13.62
CA GLY A 248 -8.07 -6.35 12.53
C GLY A 248 -7.37 -7.25 11.53
N GLY A 249 -6.23 -6.82 11.03
CA GLY A 249 -5.44 -7.63 10.13
C GLY A 249 -5.82 -7.53 8.66
N ALA A 250 -6.69 -6.58 8.33
CA ALA A 250 -7.08 -6.36 6.94
C ALA A 250 -5.97 -5.64 6.17
N SER A 251 -5.69 -4.41 6.57
CA SER A 251 -4.63 -3.60 5.97
C SER A 251 -4.62 -2.21 6.60
N GLY A 252 -4.03 -1.26 5.89
CA GLY A 252 -3.94 0.11 6.38
C GLY A 252 -2.73 0.29 7.28
N GLY A 253 -2.24 1.53 7.35
CA GLY A 253 -1.10 1.85 8.18
C GLY A 253 -1.16 3.31 8.60
N TYR A 254 -0.18 3.75 9.38
CA TYR A 254 -0.22 5.12 9.89
C TYR A 254 1.13 5.64 10.40
N THR A 255 1.18 6.96 10.53
CA THR A 255 2.28 7.64 11.21
C THR A 255 1.63 8.63 12.15
N SER A 256 2.12 8.71 13.39
CA SER A 256 1.47 9.55 14.39
C SER A 256 2.51 10.33 15.20
N GLY A 257 2.17 11.56 15.54
CA GLY A 257 3.08 12.42 16.29
C GLY A 257 2.64 13.86 16.32
N HIS A 258 3.61 14.76 16.45
CA HIS A 258 3.35 16.19 16.54
C HIS A 258 2.60 16.74 15.33
N LYS A 259 1.72 17.70 15.59
CA LYS A 259 0.88 18.30 14.56
C LYS A 259 1.66 18.71 13.31
N GLU A 260 2.81 19.36 13.53
CA GLU A 260 3.59 19.92 12.43
C GLU A 260 4.17 18.86 11.50
N ILE A 261 4.54 17.71 12.05
CA ILE A 261 5.10 16.63 11.25
C ILE A 261 4.03 15.95 10.41
N ILE A 262 2.87 15.72 11.02
CA ILE A 262 1.76 15.06 10.34
C ILE A 262 1.18 15.94 9.23
N GLU A 263 1.07 17.24 9.51
CA GLU A 263 0.58 18.20 8.54
C GLU A 263 1.51 18.25 7.34
N TRP A 264 2.81 18.26 7.62
CA TRP A 264 3.82 18.30 6.57
C TRP A 264 3.72 17.06 5.69
N LEU A 265 3.55 15.91 6.31
CA LEU A 265 3.37 14.66 5.57
C LEU A 265 2.09 14.70 4.76
N ARG A 266 1.04 15.25 5.34
CA ARG A 266 -0.27 15.29 4.68
C ARG A 266 -0.24 16.18 3.44
N ASN A 267 0.74 17.09 3.39
CA ASN A 267 0.88 18.00 2.26
C ASN A 267 1.99 17.59 1.30
N ARG A 268 2.82 16.64 1.71
CA ARG A 268 4.01 16.30 0.95
C ARG A 268 4.21 14.80 0.71
N SER A 269 3.84 13.98 1.70
CA SER A 269 4.06 12.54 1.61
C SER A 269 3.49 11.97 0.31
N ARG A 270 4.39 11.53 -0.57
CA ARG A 270 4.02 11.07 -1.92
C ARG A 270 3.06 9.88 -1.95
N PRO A 271 3.25 8.90 -1.05
CA PRO A 271 2.28 7.80 -0.98
C PRO A 271 0.90 8.30 -0.57
N TYR A 272 0.85 9.30 0.29
CA TYR A 272 -0.41 9.87 0.76
C TYR A 272 -1.06 10.75 -0.30
N LEU A 273 -0.27 11.19 -1.27
CA LEU A 273 -0.76 12.10 -2.31
C LEU A 273 -1.12 11.37 -3.60
N PHE A 274 -0.48 10.23 -3.85
CA PHE A 274 -0.62 9.54 -5.13
C PHE A 274 -1.16 8.11 -4.99
N SER A 275 -1.94 7.86 -3.94
CA SER A 275 -2.49 6.53 -3.75
C SER A 275 -3.94 6.59 -3.26
N ASN A 276 -4.77 5.72 -3.83
CA ASN A 276 -6.17 5.63 -3.44
C ASN A 276 -6.33 5.60 -1.92
N THR A 277 -7.39 6.24 -1.44
CA THR A 277 -7.66 6.29 -0.01
C THR A 277 -8.02 4.89 0.51
N VAL A 278 -7.73 4.65 1.79
CA VAL A 278 -8.10 3.40 2.42
C VAL A 278 -9.59 3.13 2.26
N ALA A 279 -9.97 1.86 2.19
CA ALA A 279 -11.35 1.47 2.00
C ALA A 279 -12.21 1.78 3.22
N PRO A 280 -13.38 2.41 3.00
CA PRO A 280 -14.32 2.75 4.08
C PRO A 280 -14.65 1.52 4.92
N VAL A 281 -14.70 0.35 4.29
CA VAL A 281 -14.99 -0.89 4.98
C VAL A 281 -14.05 -1.10 6.17
N ILE A 282 -12.76 -0.94 5.91
CA ILE A 282 -11.75 -1.20 6.94
C ILE A 282 -11.49 0.01 7.84
N VAL A 283 -11.66 1.22 7.29
CA VAL A 283 -11.51 2.43 8.09
C VAL A 283 -12.57 2.48 9.17
N ALA A 284 -13.82 2.25 8.77
CA ALA A 284 -14.94 2.29 9.72
C ALA A 284 -14.85 1.14 10.72
N THR A 285 -14.58 -0.06 10.22
CA THR A 285 -14.47 -1.23 11.08
C THR A 285 -13.33 -1.04 12.08
N SER A 286 -12.28 -0.34 11.64
CA SER A 286 -11.16 -0.03 12.51
C SER A 286 -11.61 0.79 13.72
N LEU A 287 -12.61 1.64 13.51
CA LEU A 287 -13.17 2.44 14.60
C LEU A 287 -13.78 1.54 15.67
N LYS A 288 -14.33 0.41 15.24
CA LYS A 288 -14.90 -0.56 16.17
C LYS A 288 -13.80 -1.30 16.90
N VAL A 289 -12.67 -1.51 16.22
CA VAL A 289 -11.53 -2.21 16.80
C VAL A 289 -10.95 -1.42 17.97
N LEU A 290 -10.85 -0.11 17.80
CA LEU A 290 -10.35 0.75 18.87
C LEU A 290 -11.29 0.70 20.07
N GLU A 291 -12.59 0.63 19.81
CA GLU A 291 -13.58 0.52 20.87
C GLU A 291 -13.37 -0.76 21.68
N LEU A 292 -13.00 -1.83 20.97
CA LEU A 292 -12.76 -3.12 21.62
C LEU A 292 -11.58 -3.07 22.59
N LEU A 293 -10.45 -2.57 22.11
CA LEU A 293 -9.25 -2.48 22.94
C LEU A 293 -9.59 -1.88 24.30
N LYS A 294 -10.57 -1.00 24.31
CA LYS A 294 -11.00 -0.33 25.53
C LYS A 294 -11.87 -1.23 26.41
N THR A 295 -12.57 -2.17 25.78
CA THR A 295 -13.47 -3.06 26.51
C THR A 295 -12.88 -4.47 26.73
N GLU A 296 -12.47 -5.12 25.65
CA GLU A 296 -11.94 -6.48 25.72
C GLU A 296 -10.43 -6.49 25.86
N GLY A 297 -9.79 -5.45 25.31
CA GLY A 297 -8.35 -5.33 25.32
C GLY A 297 -7.65 -5.94 26.52
N PRO A 298 -7.97 -5.45 27.73
CA PRO A 298 -7.39 -5.95 28.98
C PRO A 298 -7.42 -7.46 29.08
N GLN A 299 -8.59 -8.05 28.94
CA GLN A 299 -8.75 -9.50 28.97
C GLN A 299 -7.82 -10.16 27.96
N LEU A 300 -7.92 -9.73 26.72
CA LEU A 300 -7.14 -10.29 25.62
C LEU A 300 -5.64 -10.15 25.85
N ARG A 301 -5.22 -9.01 26.41
CA ARG A 301 -3.81 -8.79 26.74
C ARG A 301 -3.33 -9.73 27.84
N LYS A 302 -4.23 -10.01 28.78
CA LYS A 302 -3.93 -10.93 29.88
C LYS A 302 -3.93 -12.37 29.36
N GLN A 303 -4.90 -12.69 28.50
CA GLN A 303 -4.94 -14.00 27.85
C GLN A 303 -3.67 -14.23 27.04
N LEU A 304 -3.21 -13.16 26.39
CA LEU A 304 -2.02 -13.24 25.55
C LEU A 304 -0.77 -13.54 26.38
N GLN A 305 -0.60 -12.82 27.48
CA GLN A 305 0.56 -13.01 28.33
C GLN A 305 0.59 -14.40 28.95
N GLU A 306 -0.55 -14.85 29.46
CA GLU A 306 -0.66 -16.17 30.06
C GLU A 306 -0.36 -17.27 29.05
N ASN A 307 -0.94 -17.15 27.86
CA ASN A 307 -0.66 -18.07 26.77
C ASN A 307 0.83 -18.18 26.50
N SER A 308 1.48 -17.03 26.36
CA SER A 308 2.92 -16.98 26.14
C SER A 308 3.66 -17.70 27.27
N ARG A 309 3.32 -17.36 28.50
CA ARG A 309 3.96 -17.96 29.67
C ARG A 309 3.79 -19.46 29.67
N TYR A 310 2.57 -19.92 29.45
CA TYR A 310 2.26 -21.35 29.50
C TYR A 310 3.04 -22.12 28.44
N PHE A 311 3.12 -21.54 27.24
CA PHE A 311 3.85 -22.17 26.15
C PHE A 311 5.36 -22.17 26.40
N ARG A 312 5.84 -21.13 27.08
CA ARG A 312 7.25 -21.03 27.43
C ARG A 312 7.70 -22.18 28.32
N ALA A 313 6.90 -22.50 29.32
CA ALA A 313 7.24 -23.53 30.31
C ALA A 313 7.28 -24.94 29.71
N GLY A 314 6.26 -25.27 28.93
CA GLY A 314 6.16 -26.60 28.33
C GLY A 314 7.27 -26.85 27.33
N MSE A 315 7.77 -25.77 26.72
CA MSE A 315 8.81 -25.87 25.70
C MSE A 315 10.21 -25.88 26.30
O MSE A 315 11.14 -26.44 25.71
CB MSE A 315 8.67 -24.73 24.68
CG MSE A 315 7.42 -24.85 23.81
SE MSE A 315 7.48 -26.38 22.60
CE MSE A 315 8.89 -25.76 21.39
N GLU A 316 10.38 -25.25 27.46
CA GLU A 316 11.66 -25.31 28.16
C GLU A 316 11.80 -26.68 28.81
N LYS A 317 10.67 -27.33 29.05
CA LYS A 317 10.61 -28.63 29.72
C LYS A 317 10.89 -29.77 28.74
N LEU A 318 10.47 -29.58 27.50
CA LEU A 318 10.71 -30.57 26.45
C LEU A 318 12.18 -30.60 26.06
N GLY A 319 12.87 -29.49 26.30
CA GLY A 319 14.29 -29.38 26.00
C GLY A 319 14.60 -28.25 25.04
N PHE A 320 13.57 -27.74 24.38
CA PHE A 320 13.72 -26.66 23.41
C PHE A 320 14.32 -25.41 24.05
N GLN A 321 15.22 -24.76 23.33
CA GLN A 321 15.80 -23.50 23.79
C GLN A 321 15.11 -22.33 23.08
N LEU A 322 14.57 -21.40 23.86
CA LEU A 322 13.86 -20.27 23.29
C LEU A 322 14.55 -18.97 23.63
N VAL A 323 14.63 -18.07 22.66
CA VAL A 323 15.18 -16.74 22.90
C VAL A 323 14.45 -16.13 24.08
N PRO A 324 15.19 -15.63 25.08
CA PRO A 324 14.55 -14.98 26.23
C PRO A 324 13.65 -13.85 25.78
N GLY A 325 12.70 -13.45 26.63
CA GLY A 325 11.82 -12.35 26.29
C GLY A 325 10.44 -12.42 26.90
N ASN A 326 9.71 -11.32 26.80
CA ASN A 326 8.34 -11.22 27.30
C ASN A 326 7.41 -10.75 26.19
N HIS A 327 7.35 -11.51 25.11
CA HIS A 327 6.63 -11.10 23.91
C HIS A 327 5.88 -12.24 23.22
N PRO A 328 4.69 -11.94 22.67
CA PRO A 328 3.87 -12.91 21.93
C PRO A 328 4.66 -13.67 20.85
N ILE A 329 5.81 -13.14 20.44
CA ILE A 329 6.67 -13.85 19.52
C ILE A 329 7.67 -14.74 20.25
N ILE A 330 7.65 -16.03 19.94
CA ILE A 330 8.50 -17.00 20.61
C ILE A 330 9.31 -17.82 19.62
N PRO A 331 10.57 -17.42 19.38
CA PRO A 331 11.46 -18.14 18.47
C PRO A 331 12.03 -19.40 19.11
N VAL A 332 11.75 -20.56 18.53
CA VAL A 332 12.36 -21.79 18.99
C VAL A 332 13.67 -22.06 18.22
N MSE A 333 14.79 -21.83 18.90
CA MSE A 333 16.09 -21.92 18.26
C MSE A 333 16.44 -23.34 17.83
O MSE A 333 16.60 -24.24 18.66
CB MSE A 333 17.19 -21.37 19.18
CG MSE A 333 17.04 -19.88 19.48
SE MSE A 333 16.96 -18.79 17.87
CE MSE A 333 18.63 -19.33 17.03
N LEU A 334 16.55 -23.54 16.52
CA LEU A 334 16.85 -24.86 15.96
C LEU A 334 18.22 -24.87 15.30
N GLY A 335 18.74 -23.69 15.01
CA GLY A 335 20.06 -23.55 14.43
C GLY A 335 20.19 -24.11 13.03
N ASP A 336 19.70 -25.33 12.82
CA ASP A 336 19.81 -25.98 11.52
C ASP A 336 18.68 -25.58 10.57
N ALA A 337 19.05 -25.22 9.34
CA ALA A 337 18.09 -24.79 8.34
C ALA A 337 17.10 -25.90 7.97
N GLN A 338 17.64 -27.08 7.66
CA GLN A 338 16.82 -28.24 7.30
C GLN A 338 15.93 -28.69 8.46
N LEU A 339 16.47 -28.64 9.68
CA LEU A 339 15.73 -29.06 10.86
C LEU A 339 14.46 -28.23 11.04
N ALA A 340 14.58 -26.92 10.86
CA ALA A 340 13.44 -26.03 10.98
C ALA A 340 12.38 -26.37 9.93
N THR A 341 12.84 -26.55 8.69
CA THR A 341 11.95 -26.94 7.61
C THR A 341 11.24 -28.26 7.92
N ASN A 342 12.03 -29.31 8.15
CA ASN A 342 11.48 -30.63 8.47
C ASN A 342 10.41 -30.57 9.56
N MSE A 343 10.78 -30.00 10.70
CA MSE A 343 9.85 -29.90 11.83
C MSE A 343 8.57 -29.20 11.43
O MSE A 343 7.48 -29.75 11.60
CB MSE A 343 10.53 -29.19 13.00
CG MSE A 343 9.73 -29.25 14.31
SE MSE A 343 10.88 -29.31 15.89
CE MSE A 343 11.95 -30.87 15.43
N ALA A 344 8.69 -27.99 10.89
CA ALA A 344 7.53 -27.24 10.42
C ALA A 344 6.69 -28.10 9.49
N ASP A 345 7.37 -28.84 8.61
CA ASP A 345 6.68 -29.72 7.67
C ASP A 345 5.97 -30.86 8.39
N HIS A 346 6.67 -31.45 9.36
CA HIS A 346 6.09 -32.53 10.15
C HIS A 346 4.99 -32.01 11.09
N LEU A 347 5.26 -30.90 11.75
CA LEU A 347 4.30 -30.30 12.66
C LEU A 347 2.97 -30.05 11.95
N LEU A 348 3.04 -29.66 10.69
CA LEU A 348 1.82 -29.40 9.90
C LEU A 348 0.95 -30.65 9.83
N GLN A 349 1.59 -31.81 9.83
CA GLN A 349 0.88 -33.08 9.79
C GLN A 349 0.26 -33.37 11.14
N GLU A 350 0.89 -32.87 12.19
CA GLU A 350 0.39 -33.06 13.55
C GLU A 350 -0.66 -32.01 13.88
N GLY A 351 -1.22 -31.40 12.84
CA GLY A 351 -2.27 -30.41 13.00
C GLY A 351 -1.76 -29.07 13.48
N ILE A 352 -0.43 -28.94 13.56
CA ILE A 352 0.18 -27.68 14.00
C ILE A 352 0.87 -26.96 12.84
N TYR A 353 0.38 -25.77 12.52
CA TYR A 353 0.91 -25.00 11.39
C TYR A 353 1.87 -23.90 11.83
N VAL A 354 3.15 -24.07 11.51
CA VAL A 354 4.15 -23.06 11.80
C VAL A 354 5.08 -22.87 10.59
N VAL A 355 6.03 -21.95 10.71
CA VAL A 355 6.96 -21.68 9.62
C VAL A 355 8.38 -21.41 10.14
N GLY A 356 9.36 -22.05 9.51
CA GLY A 356 10.75 -21.88 9.88
C GLY A 356 11.47 -20.88 9.01
N PHE A 357 12.29 -20.04 9.64
CA PHE A 357 13.06 -19.02 8.92
C PHE A 357 14.54 -19.36 8.95
N SER A 358 15.23 -19.09 7.84
CA SER A 358 16.65 -19.36 7.74
C SER A 358 17.34 -18.23 7.00
N TYR A 359 18.66 -18.32 6.88
CA TYR A 359 19.41 -17.37 6.06
C TYR A 359 18.77 -17.31 4.68
N PRO A 360 18.68 -16.10 4.10
CA PRO A 360 19.22 -14.83 4.60
C PRO A 360 18.30 -14.10 5.59
N VAL A 361 17.13 -14.65 5.88
CA VAL A 361 16.22 -14.02 6.81
C VAL A 361 16.91 -13.84 8.16
N VAL A 362 17.53 -14.93 8.64
CA VAL A 362 18.32 -14.90 9.85
C VAL A 362 19.75 -15.34 9.53
N PRO A 363 20.67 -15.23 10.49
CA PRO A 363 22.04 -15.69 10.25
C PRO A 363 22.10 -17.18 9.94
N MSE A 364 23.18 -17.61 9.31
CA MSE A 364 23.40 -19.03 9.04
C MSE A 364 23.80 -19.76 10.32
O MSE A 364 24.71 -19.33 11.02
CB MSE A 364 24.48 -19.22 7.98
CG MSE A 364 23.94 -19.39 6.56
SE MSE A 364 23.03 -21.10 6.33
CE MSE A 364 22.76 -21.05 4.40
N GLY A 365 23.11 -20.86 10.60
CA GLY A 365 23.35 -21.59 11.83
C GLY A 365 22.53 -21.03 12.98
N LYS A 366 21.54 -20.21 12.63
CA LYS A 366 20.64 -19.64 13.63
C LYS A 366 19.19 -19.75 13.18
N ALA A 367 18.92 -20.69 12.30
CA ALA A 367 17.56 -20.93 11.82
C ALA A 367 16.61 -21.14 13.00
N ARG A 368 15.32 -20.98 12.75
CA ARG A 368 14.34 -21.04 13.83
C ARG A 368 12.93 -21.22 13.33
N ILE A 369 12.03 -21.62 14.23
CA ILE A 369 10.60 -21.63 13.96
C ILE A 369 9.95 -20.54 14.80
N ARG A 370 9.32 -19.57 14.15
CA ARG A 370 8.69 -18.48 14.88
C ARG A 370 7.24 -18.79 15.25
N VAL A 371 7.04 -19.21 16.50
CA VAL A 371 5.70 -19.45 17.01
C VAL A 371 5.13 -18.14 17.56
N GLN A 372 3.84 -17.90 17.32
CA GLN A 372 3.22 -16.67 17.77
C GLN A 372 1.92 -16.90 18.54
N MSE A 373 1.82 -16.27 19.71
CA MSE A 373 0.66 -16.44 20.57
C MSE A 373 -0.49 -15.53 20.14
O MSE A 373 -0.27 -14.40 19.70
CB MSE A 373 1.01 -16.14 22.03
CG MSE A 373 2.18 -16.94 22.60
SE MSE A 373 1.81 -18.83 22.89
CE MSE A 373 2.05 -19.47 21.06
N SER A 374 -1.70 -16.04 20.26
CA SER A 374 -2.89 -15.24 20.05
C SER A 374 -3.69 -15.18 21.34
N ALA A 375 -4.40 -14.08 21.54
CA ALA A 375 -5.21 -13.92 22.74
C ALA A 375 -6.34 -14.94 22.79
N VAL A 376 -6.48 -15.73 21.73
CA VAL A 376 -7.57 -16.69 21.63
C VAL A 376 -7.10 -18.14 21.76
N HIS A 377 -5.79 -18.35 21.70
CA HIS A 377 -5.21 -19.67 21.87
C HIS A 377 -5.60 -20.27 23.22
N THR A 378 -6.46 -21.28 23.20
CA THR A 378 -6.90 -21.96 24.42
C THR A 378 -5.79 -22.85 24.95
N GLN A 379 -6.00 -23.41 26.14
CA GLN A 379 -5.00 -24.26 26.78
C GLN A 379 -4.90 -25.62 26.09
N GLN A 380 -6.06 -26.19 25.73
CA GLN A 380 -6.09 -27.42 24.95
C GLN A 380 -5.22 -27.29 23.72
N GLN A 381 -5.39 -26.19 22.98
CA GLN A 381 -4.62 -25.93 21.77
C GLN A 381 -3.14 -25.79 22.08
N LEU A 382 -2.82 -25.14 23.19
CA LEU A 382 -1.43 -24.95 23.58
C LEU A 382 -0.79 -26.28 24.00
N ASP A 383 -1.59 -27.17 24.58
CA ASP A 383 -1.09 -28.48 24.97
C ASP A 383 -0.83 -29.37 23.76
N ARG A 384 -1.77 -29.38 22.82
CA ARG A 384 -1.63 -30.17 21.60
C ARG A 384 -0.42 -29.71 20.78
N ALA A 385 -0.18 -28.41 20.78
CA ALA A 385 0.96 -27.84 20.07
C ALA A 385 2.27 -28.26 20.74
N ILE A 386 2.40 -27.97 22.02
CA ILE A 386 3.55 -28.40 22.80
C ILE A 386 3.74 -29.89 22.67
N GLU A 387 2.64 -30.63 22.81
CA GLU A 387 2.66 -32.09 22.69
C GLU A 387 3.24 -32.52 21.35
N ALA A 388 2.80 -31.86 20.29
CA ALA A 388 3.28 -32.15 18.94
C ALA A 388 4.73 -31.72 18.74
N PHE A 389 5.15 -30.71 19.50
CA PHE A 389 6.55 -30.28 19.48
C PHE A 389 7.43 -31.31 20.16
N GLY A 390 6.82 -32.15 20.98
CA GLY A 390 7.51 -33.26 21.59
C GLY A 390 7.57 -34.43 20.62
N GLN A 391 6.41 -34.76 20.05
CA GLN A 391 6.32 -35.84 19.08
C GLN A 391 7.36 -35.67 17.97
N VAL A 392 7.32 -34.51 17.33
CA VAL A 392 8.23 -34.21 16.23
C VAL A 392 9.59 -33.78 16.75
N GLY A 393 9.64 -33.39 18.03
CA GLY A 393 10.88 -32.92 18.64
C GLY A 393 11.89 -34.03 18.84
N LYS A 394 11.43 -35.15 19.38
CA LYS A 394 12.30 -36.30 19.62
C LYS A 394 12.44 -37.14 18.36
N LYS A 395 11.36 -37.19 17.58
CA LYS A 395 11.35 -37.91 16.31
C LYS A 395 12.47 -37.44 15.39
N LEU A 396 12.76 -36.15 15.47
CA LEU A 396 13.81 -35.56 14.63
C LEU A 396 15.11 -35.34 15.39
N GLY A 397 15.15 -35.77 16.64
CA GLY A 397 16.36 -35.67 17.44
C GLY A 397 16.70 -34.24 17.82
N ALA A 398 15.70 -33.37 17.77
CA ALA A 398 15.89 -31.98 18.18
C ALA A 398 15.98 -31.87 19.69
N ILE A 399 15.23 -32.73 20.40
CA ILE A 399 15.25 -32.75 21.86
C ILE A 399 15.37 -34.18 22.38
N MSE B 4 14.14 18.11 17.50
CA MSE B 4 13.66 18.53 18.81
C MSE B 4 12.49 19.50 18.62
O MSE B 4 11.52 19.18 17.93
CB MSE B 4 14.79 19.22 19.59
CG MSE B 4 14.76 18.96 21.09
SE MSE B 4 14.35 20.56 22.15
CE MSE B 4 15.91 21.64 21.67
N GLN B 5 12.59 20.67 19.24
CA GLN B 5 11.65 21.75 18.98
C GLN B 5 12.16 22.50 17.76
N GLU B 6 13.43 22.29 17.46
CA GLU B 6 14.12 22.99 16.38
C GLU B 6 13.55 22.60 15.01
N ILE B 7 12.95 21.42 14.93
CA ILE B 7 12.39 20.95 13.65
C ILE B 7 10.96 21.44 13.47
N LEU B 8 10.27 21.65 14.59
CA LEU B 8 8.90 22.19 14.55
C LEU B 8 8.92 23.61 14.01
N SER B 9 10.08 24.27 14.15
CA SER B 9 10.24 25.64 13.69
C SER B 9 10.50 25.72 12.18
N GLN B 10 11.34 24.82 11.68
CA GLN B 10 11.64 24.78 10.25
C GLN B 10 10.47 24.23 9.46
N LEU B 11 9.64 23.41 10.11
CA LEU B 11 8.43 22.92 9.48
C LEU B 11 7.37 24.01 9.46
N ASN B 12 7.21 24.71 10.58
CA ASN B 12 6.28 25.83 10.65
C ASN B 12 6.67 26.95 9.71
N LYS B 13 7.96 27.26 9.66
CA LYS B 13 8.46 28.35 8.83
C LYS B 13 8.40 28.00 7.36
N GLU B 14 8.16 26.72 7.06
CA GLU B 14 7.99 26.29 5.68
C GLU B 14 6.52 26.06 5.36
N ILE B 15 5.72 25.76 6.39
CA ILE B 15 4.28 25.62 6.23
C ILE B 15 3.65 26.98 5.98
N GLU B 16 4.16 28.00 6.65
CA GLU B 16 3.71 29.37 6.43
C GLU B 16 4.04 29.77 5.00
N GLY B 17 5.07 29.14 4.44
CA GLY B 17 5.45 29.37 3.06
C GLY B 17 4.37 28.87 2.12
N LEU B 18 4.04 27.58 2.21
CA LEU B 18 3.02 26.99 1.37
C LEU B 18 1.67 27.69 1.55
N LYS B 19 1.29 27.95 2.80
CA LYS B 19 0.03 28.62 3.09
C LYS B 19 -0.09 29.94 2.34
N LYS B 20 0.74 30.91 2.71
CA LYS B 20 0.74 32.20 2.02
C LYS B 20 1.51 32.11 0.70
N ALA B 21 1.03 31.22 -0.16
CA ALA B 21 1.59 31.02 -1.48
C ALA B 21 0.57 30.24 -2.31
N GLY B 22 -0.49 29.81 -1.64
CA GLY B 22 -1.55 29.04 -2.28
C GLY B 22 -1.21 27.57 -2.42
N LEU B 23 -0.07 27.17 -1.89
CA LEU B 23 0.43 25.81 -2.05
C LEU B 23 -0.13 24.84 -1.00
N TYR B 24 -0.46 25.37 0.18
CA TYR B 24 -0.96 24.54 1.27
C TYR B 24 -2.22 23.80 0.86
N LYS B 25 -2.29 22.52 1.20
CA LYS B 25 -3.44 21.68 0.87
C LYS B 25 -4.42 21.60 2.02
N SER B 26 -5.70 21.83 1.73
CA SER B 26 -6.75 21.75 2.72
C SER B 26 -7.88 20.84 2.24
N GLU B 27 -7.89 19.61 2.74
CA GLU B 27 -8.84 18.61 2.29
C GLU B 27 -10.28 18.97 2.66
N ARG B 28 -11.20 18.73 1.73
CA ARG B 28 -12.62 18.82 2.04
C ARG B 28 -13.11 17.45 2.47
N ILE B 29 -14.18 17.42 3.26
CA ILE B 29 -14.65 16.15 3.83
C ILE B 29 -15.94 15.66 3.21
N ILE B 30 -15.84 14.60 2.41
CA ILE B 30 -17.00 13.96 1.82
C ILE B 30 -17.78 13.20 2.90
N THR B 31 -19.04 13.59 3.10
CA THR B 31 -19.85 13.01 4.17
C THR B 31 -20.91 12.06 3.64
N SER B 32 -20.59 11.37 2.55
CA SER B 32 -21.51 10.39 1.96
C SER B 32 -20.71 9.39 1.15
N PRO B 33 -21.34 8.25 0.79
CA PRO B 33 -20.67 7.26 -0.07
C PRO B 33 -20.29 7.88 -1.41
N GLN B 34 -19.60 7.12 -2.25
CA GLN B 34 -19.14 7.64 -3.54
C GLN B 34 -20.20 7.45 -4.62
N ASN B 35 -20.64 8.56 -5.21
CA ASN B 35 -21.65 8.53 -6.26
C ASN B 35 -21.60 9.78 -7.14
N ALA B 36 -22.42 9.79 -8.18
CA ALA B 36 -22.59 10.99 -9.00
C ALA B 36 -23.14 12.09 -8.11
N GLU B 37 -24.08 11.71 -7.24
CA GLU B 37 -24.65 12.63 -6.27
C GLU B 37 -24.03 12.40 -4.90
N ILE B 38 -23.11 13.28 -4.51
CA ILE B 38 -22.47 13.22 -3.20
C ILE B 38 -22.65 14.54 -2.47
N LYS B 39 -22.21 14.59 -1.23
CA LYS B 39 -22.31 15.82 -0.45
C LYS B 39 -20.98 16.18 0.22
N VAL B 40 -20.32 17.21 -0.30
CA VAL B 40 -19.09 17.71 0.29
C VAL B 40 -19.41 18.54 1.53
N GLY B 41 -19.09 18.00 2.70
CA GLY B 41 -19.50 18.60 3.96
C GLY B 41 -20.97 18.32 4.19
N GLU B 42 -21.78 19.37 4.20
CA GLU B 42 -23.23 19.22 4.36
C GLU B 42 -23.96 19.45 3.04
N LYS B 43 -23.31 20.19 2.15
CA LYS B 43 -23.93 20.57 0.88
C LYS B 43 -23.94 19.44 -0.15
N GLU B 44 -25.10 19.21 -0.77
CA GLU B 44 -25.24 18.21 -1.82
C GLU B 44 -24.83 18.76 -3.18
N VAL B 45 -23.82 18.14 -3.78
CA VAL B 45 -23.34 18.55 -5.10
C VAL B 45 -23.20 17.34 -6.02
N LEU B 46 -23.02 17.60 -7.31
CA LEU B 46 -22.70 16.54 -8.26
C LEU B 46 -21.19 16.34 -8.28
N ASN B 47 -20.74 15.09 -8.33
CA ASN B 47 -19.31 14.81 -8.31
C ASN B 47 -18.74 14.61 -9.71
N PHE B 48 -17.79 15.45 -10.08
CA PHE B 48 -17.16 15.37 -11.39
C PHE B 48 -15.64 15.37 -11.27
N CYS B 49 -15.12 14.76 -10.21
CA CYS B 49 -13.68 14.69 -9.99
C CYS B 49 -13.30 13.40 -9.26
N ALA B 50 -14.00 12.32 -9.58
CA ALA B 50 -13.70 11.02 -8.98
C ALA B 50 -13.31 9.99 -10.04
N ASN B 51 -12.40 9.11 -9.66
CA ASN B 51 -11.93 8.05 -10.54
C ASN B 51 -12.89 6.87 -10.57
N ASN B 52 -14.14 7.13 -10.20
CA ASN B 52 -15.19 6.12 -10.23
C ASN B 52 -15.84 6.06 -11.61
N TYR B 53 -15.13 5.51 -12.58
CA TYR B 53 -15.55 5.60 -13.97
C TYR B 53 -16.78 4.76 -14.34
N LEU B 54 -16.87 3.56 -13.79
CA LEU B 54 -17.99 2.67 -14.09
C LEU B 54 -19.09 2.78 -13.05
N GLY B 55 -18.81 3.51 -11.97
CA GLY B 55 -19.80 3.75 -10.93
C GLY B 55 -19.99 2.57 -9.99
N LEU B 56 -18.94 1.78 -9.83
CA LEU B 56 -19.02 0.58 -9.01
C LEU B 56 -18.77 0.88 -7.54
N ALA B 57 -18.32 2.09 -7.24
CA ALA B 57 -17.98 2.48 -5.87
C ALA B 57 -19.11 2.17 -4.88
N ASP B 58 -20.33 2.59 -5.21
CA ASP B 58 -21.48 2.34 -4.35
C ASP B 58 -22.53 1.53 -5.11
N HIS B 59 -22.06 0.52 -5.84
CA HIS B 59 -22.95 -0.33 -6.61
C HIS B 59 -23.59 -1.37 -5.70
N PRO B 60 -24.93 -1.42 -5.69
CA PRO B 60 -25.70 -2.29 -4.80
C PRO B 60 -25.23 -3.74 -4.79
N ALA B 61 -24.88 -4.26 -5.97
CA ALA B 61 -24.46 -5.65 -6.09
C ALA B 61 -23.13 -5.88 -5.39
N LEU B 62 -22.20 -4.95 -5.58
CA LEU B 62 -20.89 -5.04 -4.94
C LEU B 62 -21.01 -4.92 -3.43
N ILE B 63 -21.86 -4.00 -2.98
CA ILE B 63 -22.10 -3.82 -1.55
C ILE B 63 -22.67 -5.10 -0.95
N LYS B 64 -23.60 -5.72 -1.69
CA LYS B 64 -24.25 -6.95 -1.24
C LYS B 64 -23.28 -8.13 -1.21
N THR B 65 -22.25 -8.07 -2.06
CA THR B 65 -21.22 -9.11 -2.08
C THR B 65 -20.24 -8.93 -0.92
N ALA B 66 -19.90 -7.68 -0.62
CA ALA B 66 -19.01 -7.36 0.48
C ALA B 66 -19.55 -7.87 1.81
N GLN B 67 -20.87 -7.78 1.98
CA GLN B 67 -21.53 -8.19 3.21
C GLN B 67 -21.40 -9.69 3.45
N THR B 68 -21.48 -10.47 2.38
CA THR B 68 -21.37 -11.92 2.48
C THR B 68 -19.92 -12.36 2.62
N VAL B 69 -19.05 -11.79 1.80
CA VAL B 69 -17.65 -12.20 1.75
C VAL B 69 -16.91 -12.02 3.07
N VAL B 70 -17.09 -10.87 3.71
CA VAL B 70 -16.39 -10.58 4.96
C VAL B 70 -16.75 -11.60 6.03
N GLU B 71 -18.00 -12.05 6.03
CA GLU B 71 -18.47 -13.06 6.97
C GLU B 71 -17.89 -14.42 6.59
N GLN B 72 -17.82 -14.66 5.28
CA GLN B 72 -17.38 -15.94 4.75
C GLN B 72 -15.85 -16.11 4.83
N TYR B 73 -15.12 -15.00 4.73
CA TYR B 73 -13.66 -15.06 4.68
C TYR B 73 -12.96 -14.35 5.82
N GLY B 74 -13.72 -13.64 6.65
CA GLY B 74 -13.15 -12.91 7.77
C GLY B 74 -12.76 -11.50 7.40
N PHE B 75 -12.47 -10.68 8.41
CA PHE B 75 -12.13 -9.28 8.21
C PHE B 75 -10.70 -9.08 7.71
N GLY B 76 -9.76 -9.78 8.33
CA GLY B 76 -8.36 -9.67 7.96
C GLY B 76 -7.60 -10.98 8.07
N MSE B 77 -6.44 -11.04 7.41
CA MSE B 77 -5.61 -12.24 7.44
C MSE B 77 -4.45 -12.10 8.41
O MSE B 77 -3.91 -13.09 8.90
CB MSE B 77 -5.08 -12.55 6.03
CG MSE B 77 -6.16 -12.89 5.02
SE MSE B 77 -7.09 -14.56 5.42
CE MSE B 77 -8.55 -13.87 6.51
N ALA B 78 -4.06 -10.86 8.69
CA ALA B 78 -3.00 -10.58 9.64
C ALA B 78 -1.71 -11.32 9.29
N SER B 79 -1.41 -11.39 7.99
CA SER B 79 -0.23 -12.10 7.50
C SER B 79 0.07 -11.80 6.04
N VAL B 80 1.34 -11.93 5.65
CA VAL B 80 1.74 -11.78 4.27
C VAL B 80 1.26 -12.99 3.47
N ARG B 81 1.26 -12.86 2.15
CA ARG B 81 0.77 -13.92 1.28
C ARG B 81 1.37 -15.29 1.62
N PHE B 82 2.69 -15.37 1.60
CA PHE B 82 3.41 -16.62 1.79
C PHE B 82 2.97 -17.43 3.02
N ILE B 83 3.15 -16.84 4.20
CA ILE B 83 2.88 -17.55 5.46
C ILE B 83 1.45 -18.09 5.54
N CYS B 84 0.50 -17.22 5.85
CA CYS B 84 -0.90 -17.62 5.92
C CYS B 84 -1.83 -16.48 5.54
N GLY B 85 -1.58 -15.87 4.40
CA GLY B 85 -2.38 -14.75 3.93
C GLY B 85 -3.07 -15.05 2.61
N THR B 86 -2.71 -16.17 2.01
CA THR B 86 -3.27 -16.56 0.72
C THR B 86 -4.49 -17.46 0.88
N GLN B 87 -5.67 -16.91 0.59
CA GLN B 87 -6.89 -17.69 0.61
C GLN B 87 -7.15 -18.26 -0.76
N THR B 88 -8.08 -19.20 -0.85
CA THR B 88 -8.47 -19.75 -2.15
C THR B 88 -8.91 -18.61 -3.07
N ILE B 89 -9.31 -17.49 -2.44
CA ILE B 89 -9.87 -16.36 -3.16
C ILE B 89 -8.81 -15.43 -3.74
N HIS B 90 -7.61 -15.45 -3.16
CA HIS B 90 -6.51 -14.61 -3.64
C HIS B 90 -5.94 -15.13 -4.94
N LYS B 91 -5.71 -16.45 -4.99
CA LYS B 91 -5.24 -17.09 -6.21
C LYS B 91 -6.26 -16.95 -7.31
N GLU B 92 -7.52 -17.23 -6.98
CA GLU B 92 -8.62 -17.14 -7.93
C GLU B 92 -8.69 -15.76 -8.58
N LEU B 93 -8.58 -14.72 -7.76
CA LEU B 93 -8.65 -13.34 -8.28
C LEU B 93 -7.58 -13.14 -9.33
N GLU B 94 -6.34 -13.41 -8.96
CA GLU B 94 -5.21 -13.35 -9.90
C GLU B 94 -5.54 -14.09 -11.19
N LYS B 95 -6.10 -15.27 -11.05
CA LYS B 95 -6.54 -16.08 -12.18
C LYS B 95 -7.54 -15.34 -13.06
N ASP B 96 -8.58 -14.79 -12.44
CA ASP B 96 -9.61 -14.05 -13.17
C ASP B 96 -9.06 -12.75 -13.78
N ILE B 97 -8.09 -12.15 -13.10
CA ILE B 97 -7.44 -10.95 -13.63
C ILE B 97 -6.69 -11.28 -14.91
N SER B 98 -6.01 -12.43 -14.90
CA SER B 98 -5.22 -12.87 -16.04
C SER B 98 -6.09 -13.25 -17.24
N GLU B 99 -7.32 -13.70 -16.96
CA GLU B 99 -8.24 -14.04 -18.03
C GLU B 99 -8.85 -12.79 -18.67
N PHE B 100 -9.21 -11.82 -17.84
CA PHE B 100 -9.73 -10.55 -18.32
C PHE B 100 -8.72 -9.97 -19.31
N LEU B 101 -7.52 -9.69 -18.82
CA LEU B 101 -6.41 -9.32 -19.67
C LEU B 101 -5.95 -10.58 -20.39
N GLY B 102 -4.83 -10.50 -21.10
CA GLY B 102 -4.32 -11.64 -21.84
C GLY B 102 -3.07 -12.24 -21.21
N THR B 103 -3.00 -12.19 -19.88
CA THR B 103 -1.79 -12.58 -19.18
C THR B 103 -1.83 -14.03 -18.68
N ASP B 104 -0.66 -14.61 -18.47
CA ASP B 104 -0.53 -15.98 -18.00
C ASP B 104 -0.79 -16.09 -16.51
N ASP B 105 -0.24 -15.15 -15.75
CA ASP B 105 -0.41 -15.14 -14.29
C ASP B 105 -0.61 -13.71 -13.79
N THR B 106 -0.87 -13.56 -12.49
CA THR B 106 -1.07 -12.25 -11.90
C THR B 106 -0.68 -12.26 -10.42
N ILE B 107 -0.04 -11.18 -9.96
CA ILE B 107 0.33 -11.07 -8.56
C ILE B 107 -0.38 -9.88 -7.92
N LEU B 108 -0.89 -10.07 -6.71
CA LEU B 108 -1.66 -9.04 -6.03
C LEU B 108 -0.81 -8.17 -5.11
N TYR B 109 -1.10 -6.87 -5.14
CA TYR B 109 -0.53 -5.92 -4.19
C TYR B 109 -1.67 -5.17 -3.51
N SER B 110 -1.38 -4.54 -2.37
CA SER B 110 -2.39 -3.79 -1.64
C SER B 110 -2.76 -2.52 -2.40
N SER B 111 -1.97 -2.20 -3.42
CA SER B 111 -2.21 -1.02 -4.25
C SER B 111 -1.25 -1.02 -5.43
N CYS B 112 -1.62 -0.34 -6.51
CA CYS B 112 -0.77 -0.22 -7.68
C CYS B 112 0.46 0.61 -7.35
N PHE B 113 0.43 1.25 -6.19
CA PHE B 113 1.57 2.03 -5.73
C PHE B 113 2.67 1.09 -5.23
N ASP B 114 2.25 -0.02 -4.61
CA ASP B 114 3.17 -1.06 -4.19
C ASP B 114 3.62 -1.89 -5.38
N ALA B 115 2.68 -2.16 -6.28
CA ALA B 115 2.95 -2.95 -7.47
C ALA B 115 4.12 -2.36 -8.27
N ASN B 116 4.03 -1.06 -8.53
CA ASN B 116 5.08 -0.37 -9.28
C ASN B 116 6.42 -0.32 -8.53
N GLY B 117 6.35 -0.15 -7.22
CA GLY B 117 7.55 -0.04 -6.40
C GLY B 117 8.36 -1.32 -6.32
N GLY B 118 7.68 -2.45 -6.24
CA GLY B 118 8.35 -3.73 -6.12
C GLY B 118 8.54 -4.42 -7.45
N LEU B 119 8.51 -3.64 -8.53
CA LEU B 119 8.62 -4.19 -9.88
C LEU B 119 10.03 -4.07 -10.45
N PHE B 120 10.55 -2.85 -10.47
CA PHE B 120 11.76 -2.56 -11.23
C PHE B 120 13.06 -3.10 -10.61
N GLU B 121 13.31 -2.77 -9.35
CA GLU B 121 14.55 -3.21 -8.70
C GLU B 121 14.62 -4.73 -8.66
N THR B 122 13.47 -5.36 -8.44
CA THR B 122 13.37 -6.81 -8.43
C THR B 122 13.75 -7.41 -9.76
N LEU B 123 13.39 -6.70 -10.83
CA LEU B 123 13.46 -7.26 -12.18
C LEU B 123 14.68 -6.76 -12.96
N LEU B 124 15.27 -5.65 -12.54
CA LEU B 124 16.41 -5.07 -13.25
C LEU B 124 17.59 -4.75 -12.36
N GLY B 125 18.79 -4.77 -12.95
CA GLY B 125 20.01 -4.48 -12.23
C GLY B 125 20.73 -3.26 -12.79
N PRO B 126 21.98 -3.06 -12.35
CA PRO B 126 22.79 -1.90 -12.76
C PRO B 126 23.22 -1.98 -14.23
N GLU B 127 23.17 -3.19 -14.78
CA GLU B 127 23.57 -3.43 -16.16
C GLU B 127 22.40 -3.26 -17.11
N ASP B 128 21.30 -2.72 -16.60
CA ASP B 128 20.09 -2.54 -17.40
C ASP B 128 19.79 -1.07 -17.65
N ALA B 129 18.56 -0.78 -18.03
CA ALA B 129 18.15 0.61 -18.29
C ALA B 129 16.63 0.72 -18.43
N ILE B 130 16.06 1.69 -17.75
CA ILE B 130 14.63 1.94 -17.83
C ILE B 130 14.36 3.28 -18.51
N ILE B 131 13.61 3.25 -19.60
CA ILE B 131 13.28 4.46 -20.35
C ILE B 131 11.83 4.86 -20.08
N SER B 132 11.64 5.95 -19.34
CA SER B 132 10.31 6.33 -18.89
C SER B 132 9.82 7.65 -19.50
N ASP B 133 8.50 7.79 -19.60
CA ASP B 133 7.88 9.02 -20.06
C ASP B 133 8.07 10.09 -18.99
N GLU B 134 7.92 11.35 -19.37
CA GLU B 134 8.04 12.44 -18.41
C GLU B 134 6.96 12.34 -17.33
N LEU B 135 5.71 12.18 -17.77
CA LEU B 135 4.57 12.29 -16.87
C LEU B 135 4.12 10.95 -16.29
N ASN B 136 4.99 9.96 -16.30
CA ASN B 136 4.71 8.69 -15.66
C ASN B 136 4.32 8.91 -14.20
N HIS B 137 3.34 8.15 -13.71
CA HIS B 137 2.88 8.29 -12.33
C HIS B 137 4.03 8.19 -11.34
N ALA B 138 3.85 8.79 -10.17
CA ALA B 138 4.87 8.77 -9.13
C ALA B 138 5.26 7.34 -8.76
N SER B 139 4.27 6.45 -8.70
CA SER B 139 4.51 5.05 -8.38
C SER B 139 5.66 4.49 -9.22
N ILE B 140 5.63 4.76 -10.52
CA ILE B 140 6.68 4.32 -11.42
C ILE B 140 8.00 5.03 -11.10
N ILE B 141 7.97 6.36 -11.12
CA ILE B 141 9.14 7.16 -10.79
C ILE B 141 9.81 6.66 -9.51
N ASP B 142 9.04 6.58 -8.43
CA ASP B 142 9.54 6.04 -7.16
C ASP B 142 10.06 4.62 -7.34
N GLY B 143 9.43 3.86 -8.22
CA GLY B 143 9.84 2.48 -8.48
C GLY B 143 11.19 2.39 -9.16
N ILE B 144 11.47 3.35 -10.04
CA ILE B 144 12.73 3.41 -10.76
C ILE B 144 13.86 3.81 -9.81
N ARG B 145 13.52 4.67 -8.85
CA ARG B 145 14.50 5.22 -7.92
C ARG B 145 15.05 4.18 -6.96
N LEU B 146 14.38 3.03 -6.89
CA LEU B 146 14.85 1.92 -6.05
C LEU B 146 15.69 0.94 -6.87
N CYS B 147 15.54 1.00 -8.20
CA CYS B 147 16.27 0.12 -9.09
C CYS B 147 17.67 0.67 -9.40
N LYS B 148 18.56 -0.23 -9.82
CA LYS B 148 19.95 0.14 -10.10
C LYS B 148 20.17 0.50 -11.57
N ALA B 149 19.20 0.17 -12.41
CA ALA B 149 19.29 0.41 -13.85
C ALA B 149 19.55 1.87 -14.18
N GLN B 150 20.21 2.12 -15.32
CA GLN B 150 20.38 3.47 -15.82
C GLN B 150 19.02 4.03 -16.21
N ARG B 151 18.77 5.29 -15.87
CA ARG B 151 17.46 5.90 -16.09
C ARG B 151 17.47 6.90 -17.24
N TYR B 152 16.41 6.87 -18.03
CA TYR B 152 16.27 7.77 -19.18
C TYR B 152 14.83 8.28 -19.25
N ARG B 153 14.68 9.58 -19.40
CA ARG B 153 13.37 10.21 -19.40
C ARG B 153 13.13 10.97 -20.71
N TYR B 154 12.11 10.55 -21.47
CA TYR B 154 11.82 11.18 -22.75
C TYR B 154 10.60 12.08 -22.71
N LYS B 155 10.60 13.11 -23.56
CA LYS B 155 9.50 14.06 -23.63
C LYS B 155 8.16 13.35 -23.81
N ASN B 156 7.13 13.84 -23.11
CA ASN B 156 5.82 13.23 -23.14
C ASN B 156 5.32 12.91 -24.55
N ASN B 157 4.95 11.65 -24.76
CA ASN B 157 4.39 11.20 -26.02
C ASN B 157 5.24 11.57 -27.24
N ALA B 158 6.54 11.74 -27.03
CA ALA B 158 7.47 11.95 -28.13
C ALA B 158 8.06 10.59 -28.52
N MSE B 159 7.89 10.21 -29.79
CA MSE B 159 8.08 8.83 -30.22
C MSE B 159 9.47 8.28 -30.58
O MSE B 159 9.69 7.08 -30.48
CB MSE B 159 7.09 8.49 -31.34
CG MSE B 159 5.72 8.05 -30.86
SE MSE B 159 5.82 6.63 -29.52
CE MSE B 159 5.87 7.72 -27.91
N GLY B 160 10.42 9.13 -30.99
CA GLY B 160 10.33 10.57 -30.94
C GLY B 160 11.57 11.01 -30.19
N ASP B 161 11.38 11.47 -28.96
CA ASP B 161 12.52 11.65 -28.05
C ASP B 161 12.82 10.28 -27.46
N LEU B 162 11.78 9.46 -27.33
CA LEU B 162 11.91 8.08 -26.87
C LEU B 162 12.97 7.31 -27.64
N GLU B 163 12.87 7.31 -28.96
CA GLU B 163 13.84 6.60 -29.79
C GLU B 163 15.25 7.14 -29.56
N ALA B 164 15.36 8.42 -29.24
CA ALA B 164 16.65 9.03 -28.94
C ALA B 164 17.22 8.48 -27.63
N LYS B 165 16.34 8.19 -26.68
CA LYS B 165 16.75 7.65 -25.39
C LYS B 165 17.01 6.16 -25.47
N LEU B 166 16.53 5.52 -26.53
CA LEU B 166 16.78 4.10 -26.76
C LEU B 166 18.13 3.89 -27.42
N LYS B 167 18.41 4.69 -28.44
CA LYS B 167 19.75 4.74 -29.04
C LYS B 167 20.74 5.07 -27.95
N GLU B 168 20.45 6.15 -27.22
CA GLU B 168 21.26 6.59 -26.10
C GLU B 168 21.43 5.49 -25.04
N ALA B 169 20.41 4.67 -24.86
CA ALA B 169 20.47 3.60 -23.87
C ALA B 169 21.49 2.55 -24.28
N ASP B 170 21.50 2.20 -25.56
CA ASP B 170 22.42 1.20 -26.09
C ASP B 170 23.84 1.75 -26.19
N GLU B 171 23.97 3.05 -26.46
CA GLU B 171 25.28 3.68 -26.60
C GLU B 171 26.16 3.44 -25.39
N LYS B 172 25.55 3.00 -24.28
CA LYS B 172 26.29 2.74 -23.06
C LYS B 172 26.11 1.29 -22.59
N GLY B 173 25.68 0.44 -23.51
CA GLY B 173 25.69 -1.01 -23.30
C GLY B 173 24.72 -1.56 -22.27
N ALA B 174 23.43 -1.33 -22.49
CA ALA B 174 22.41 -1.90 -21.62
C ALA B 174 22.00 -3.28 -22.12
N ARG B 175 22.25 -4.31 -21.33
CA ARG B 175 21.90 -5.67 -21.73
C ARG B 175 20.39 -5.82 -21.84
N PHE B 176 19.69 -5.46 -20.77
CA PHE B 176 18.24 -5.47 -20.73
C PHE B 176 17.74 -4.03 -20.57
N LYS B 177 16.86 -3.61 -21.47
CA LYS B 177 16.25 -2.29 -21.37
C LYS B 177 14.73 -2.41 -21.39
N LEU B 178 14.08 -1.57 -20.59
CA LEU B 178 12.63 -1.61 -20.48
C LEU B 178 12.02 -0.25 -20.74
N ILE B 179 10.87 -0.25 -21.42
CA ILE B 179 10.11 0.97 -21.65
C ILE B 179 8.93 1.03 -20.69
N ALA B 180 8.91 2.07 -19.86
CA ALA B 180 7.85 2.25 -18.88
C ALA B 180 6.99 3.46 -19.22
N THR B 181 5.67 3.30 -19.14
CA THR B 181 4.76 4.37 -19.49
C THR B 181 3.37 4.15 -18.89
N ASP B 182 2.68 5.25 -18.62
CA ASP B 182 1.26 5.20 -18.26
C ASP B 182 0.48 4.82 -19.52
N GLY B 183 -0.61 4.09 -19.34
CA GLY B 183 -1.48 3.77 -20.46
C GLY B 183 -2.29 4.99 -20.84
N VAL B 184 -2.66 5.77 -19.83
CA VAL B 184 -3.37 7.02 -20.03
C VAL B 184 -2.72 8.10 -19.15
N PHE B 185 -2.51 9.28 -19.72
CA PHE B 185 -1.87 10.37 -18.99
C PHE B 185 -2.88 11.19 -18.20
N SER B 186 -2.81 11.05 -16.88
CA SER B 186 -3.83 11.53 -15.95
C SER B 186 -4.30 12.98 -16.16
N MSE B 187 -3.35 13.88 -16.47
CA MSE B 187 -3.67 15.30 -16.57
C MSE B 187 -4.16 15.72 -17.97
O MSE B 187 -4.73 16.80 -18.13
CB MSE B 187 -2.47 16.15 -16.16
CG MSE B 187 -2.09 16.00 -14.70
SE MSE B 187 -3.59 16.37 -13.52
CE MSE B 187 -4.09 18.12 -14.20
N ASP B 188 -3.97 14.85 -18.96
CA ASP B 188 -4.37 15.16 -20.32
C ASP B 188 -5.57 14.33 -20.79
N GLY B 189 -5.68 13.10 -20.30
CA GLY B 189 -6.71 12.19 -20.76
C GLY B 189 -6.33 11.61 -22.12
N ILE B 190 -5.06 11.76 -22.47
CA ILE B 190 -4.56 11.28 -23.74
C ILE B 190 -4.06 9.84 -23.64
N ILE B 191 -4.37 9.05 -24.67
CA ILE B 191 -3.91 7.68 -24.76
C ILE B 191 -2.48 7.61 -25.30
N ALA B 192 -1.63 6.86 -24.61
CA ALA B 192 -0.25 6.65 -25.05
C ALA B 192 -0.19 6.00 -26.42
N ASP B 193 0.88 6.28 -27.16
CA ASP B 193 1.05 5.73 -28.50
C ASP B 193 1.64 4.33 -28.42
N LEU B 194 0.87 3.38 -27.88
CA LEU B 194 1.35 2.03 -27.65
C LEU B 194 1.80 1.33 -28.93
N LYS B 195 1.16 1.63 -30.05
CA LYS B 195 1.53 1.05 -31.34
C LYS B 195 2.99 1.33 -31.66
N SER B 196 3.34 2.61 -31.72
CA SER B 196 4.70 3.03 -32.02
C SER B 196 5.70 2.48 -31.02
N ILE B 197 5.46 2.76 -29.74
CA ILE B 197 6.34 2.31 -28.66
C ILE B 197 6.70 0.83 -28.79
N CYS B 198 5.71 0.02 -29.15
CA CYS B 198 5.91 -1.42 -29.31
C CYS B 198 6.79 -1.74 -30.53
N ASP B 199 6.58 -1.00 -31.61
CA ASP B 199 7.43 -1.15 -32.80
C ASP B 199 8.87 -0.82 -32.45
N LEU B 200 9.04 0.11 -31.50
CA LEU B 200 10.35 0.53 -31.05
C LEU B 200 10.97 -0.53 -30.14
N ALA B 201 10.14 -1.18 -29.34
CA ALA B 201 10.59 -2.31 -28.53
C ALA B 201 11.17 -3.36 -29.44
N ASP B 202 10.54 -3.52 -30.60
CA ASP B 202 11.00 -4.46 -31.61
C ASP B 202 12.34 -4.02 -32.18
N LYS B 203 12.33 -2.90 -32.91
CA LYS B 203 13.54 -2.40 -33.57
C LYS B 203 14.75 -2.34 -32.66
N TYR B 204 14.52 -2.04 -31.38
CA TYR B 204 15.62 -1.84 -30.44
C TYR B 204 15.75 -2.97 -29.43
N ASN B 205 14.83 -3.93 -29.47
CA ASN B 205 14.90 -5.10 -28.62
C ASN B 205 14.69 -4.77 -27.14
N ALA B 206 13.79 -3.82 -26.88
CA ALA B 206 13.44 -3.46 -25.50
C ALA B 206 12.13 -4.11 -25.11
N LEU B 207 11.86 -4.17 -23.81
CA LEU B 207 10.58 -4.66 -23.32
C LEU B 207 9.60 -3.50 -23.22
N VAL B 208 8.35 -3.80 -22.94
CA VAL B 208 7.32 -2.77 -22.80
C VAL B 208 6.45 -2.99 -21.58
N MSE B 209 6.45 -2.02 -20.67
CA MSE B 209 5.63 -2.08 -19.48
C MSE B 209 4.65 -0.91 -19.46
O MSE B 209 5.03 0.24 -19.67
CB MSE B 209 6.51 -2.09 -18.23
CG MSE B 209 6.65 -0.75 -17.53
SE MSE B 209 5.16 -0.40 -16.34
CE MSE B 209 5.14 1.54 -16.46
N VAL B 210 3.37 -1.21 -19.23
CA VAL B 210 2.34 -0.19 -19.22
C VAL B 210 1.58 -0.14 -17.90
N ASP B 211 1.36 1.07 -17.39
CA ASP B 211 0.57 1.27 -16.18
C ASP B 211 -0.82 1.73 -16.58
N ASP B 212 -1.79 0.83 -16.50
CA ASP B 212 -3.15 1.11 -16.99
C ASP B 212 -4.16 1.32 -15.87
N SER B 213 -3.78 2.11 -14.87
CA SER B 213 -4.69 2.45 -13.78
C SER B 213 -5.89 3.25 -14.30
N HIS B 214 -5.66 4.06 -15.33
CA HIS B 214 -6.71 4.90 -15.90
C HIS B 214 -7.27 4.35 -17.21
N ALA B 215 -7.28 3.03 -17.35
CA ALA B 215 -7.73 2.40 -18.59
C ALA B 215 -8.45 1.08 -18.35
N VAL B 216 -7.83 0.21 -17.55
CA VAL B 216 -8.40 -1.11 -17.29
C VAL B 216 -9.81 -1.02 -16.74
N GLY B 217 -10.78 -1.52 -17.52
CA GLY B 217 -12.16 -1.54 -17.09
C GLY B 217 -13.13 -0.80 -18.01
N PHE B 218 -12.65 0.25 -18.67
CA PHE B 218 -13.52 1.07 -19.50
C PHE B 218 -12.93 1.41 -20.88
N ILE B 219 -11.62 1.31 -21.01
CA ILE B 219 -10.97 1.59 -22.30
C ILE B 219 -10.86 0.32 -23.14
N GLY B 220 -11.19 0.43 -24.42
CA GLY B 220 -11.19 -0.72 -25.32
C GLY B 220 -12.58 -1.29 -25.49
N GLU B 221 -12.78 -2.08 -26.54
CA GLU B 221 -14.06 -2.72 -26.80
C GLU B 221 -14.62 -3.41 -25.56
N ASN B 222 -13.78 -4.19 -24.89
CA ASN B 222 -14.21 -4.99 -23.76
C ASN B 222 -13.61 -4.52 -22.43
N GLY B 223 -13.15 -3.27 -22.42
CA GLY B 223 -12.62 -2.65 -21.22
C GLY B 223 -11.28 -3.20 -20.76
N ARG B 224 -10.58 -3.89 -21.66
CA ARG B 224 -9.32 -4.52 -21.31
C ARG B 224 -8.16 -3.53 -21.26
N GLY B 225 -8.44 -2.27 -21.61
CA GLY B 225 -7.45 -1.22 -21.47
C GLY B 225 -6.84 -0.71 -22.76
N THR B 226 -5.67 -0.10 -22.63
CA THR B 226 -5.01 0.56 -23.75
C THR B 226 -4.40 -0.39 -24.80
N PRO B 227 -3.80 -1.51 -24.34
CA PRO B 227 -3.28 -2.47 -25.33
C PRO B 227 -4.36 -2.90 -26.33
N GLU B 228 -5.50 -3.35 -25.82
CA GLU B 228 -6.64 -3.68 -26.67
C GLU B 228 -7.03 -2.48 -27.51
N TYR B 229 -7.19 -1.34 -26.84
CA TYR B 229 -7.58 -0.10 -27.49
C TYR B 229 -6.63 0.24 -28.63
N CYS B 230 -5.33 0.18 -28.35
CA CYS B 230 -4.30 0.53 -29.32
C CYS B 230 -3.97 -0.63 -30.26
N GLY B 231 -4.60 -1.77 -30.03
CA GLY B 231 -4.43 -2.92 -30.90
C GLY B 231 -3.04 -3.53 -30.87
N VAL B 232 -2.38 -3.40 -29.73
CA VAL B 232 -1.07 -4.02 -29.53
C VAL B 232 -1.18 -5.16 -28.53
N ALA B 233 -2.32 -5.83 -28.55
CA ALA B 233 -2.57 -6.97 -27.66
C ALA B 233 -1.49 -8.05 -27.84
N ASP B 234 -0.98 -8.53 -26.71
CA ASP B 234 0.08 -9.54 -26.69
C ASP B 234 1.44 -8.97 -27.09
N ARG B 235 1.61 -7.67 -26.94
CA ARG B 235 2.88 -7.02 -27.26
C ARG B 235 3.46 -6.27 -26.07
N VAL B 236 2.70 -6.23 -24.98
CA VAL B 236 3.17 -5.63 -23.74
C VAL B 236 3.49 -6.71 -22.71
N ASP B 237 4.68 -6.62 -22.13
CA ASP B 237 5.16 -7.66 -21.23
C ASP B 237 4.67 -7.45 -19.79
N ILE B 238 4.78 -6.22 -19.31
CA ILE B 238 4.40 -5.90 -17.94
C ILE B 238 3.14 -5.05 -17.89
N LEU B 239 2.17 -5.47 -17.08
CA LEU B 239 0.94 -4.70 -16.91
C LEU B 239 0.63 -4.45 -15.44
N THR B 240 0.82 -3.22 -15.01
CA THR B 240 0.38 -2.80 -13.68
C THR B 240 -1.00 -2.17 -13.79
N GLY B 241 -1.72 -2.15 -12.68
CA GLY B 241 -3.06 -1.58 -12.64
C GLY B 241 -3.55 -1.46 -11.21
N THR B 242 -4.69 -0.81 -11.02
CA THR B 242 -5.25 -0.61 -9.70
C THR B 242 -6.70 -1.05 -9.63
N LEU B 243 -7.21 -1.20 -8.41
CA LEU B 243 -8.62 -1.54 -8.20
C LEU B 243 -9.31 -0.37 -7.53
N GLY B 244 -8.56 0.71 -7.30
CA GLY B 244 -9.08 1.87 -6.61
C GLY B 244 -9.68 2.90 -7.56
N LYS B 245 -10.02 2.45 -8.76
CA LYS B 245 -10.61 3.35 -9.75
C LYS B 245 -11.85 2.74 -10.40
N ALA B 246 -11.72 2.30 -11.65
CA ALA B 246 -12.86 1.77 -12.39
C ALA B 246 -13.35 0.43 -11.86
N LEU B 247 -12.45 -0.33 -11.25
CA LEU B 247 -12.76 -1.68 -10.80
C LEU B 247 -13.03 -1.80 -9.31
N GLY B 248 -13.91 -0.94 -8.80
CA GLY B 248 -14.30 -1.03 -7.40
C GLY B 248 -14.07 0.25 -6.62
N GLY B 249 -12.84 0.75 -6.68
CA GLY B 249 -12.49 1.97 -5.98
C GLY B 249 -12.10 1.73 -4.53
N ALA B 250 -12.22 0.48 -4.09
CA ALA B 250 -11.85 0.13 -2.72
C ALA B 250 -10.35 0.26 -2.51
N SER B 251 -9.60 -0.73 -2.99
CA SER B 251 -8.15 -0.73 -2.89
C SER B 251 -7.56 -1.93 -3.62
N GLY B 252 -6.23 -1.98 -3.69
CA GLY B 252 -5.56 -3.10 -4.31
C GLY B 252 -4.86 -2.75 -5.61
N GLY B 253 -3.81 -3.49 -5.92
CA GLY B 253 -3.05 -3.28 -7.15
C GLY B 253 -2.55 -4.62 -7.65
N TYR B 254 -1.93 -4.63 -8.82
CA TYR B 254 -1.47 -5.89 -9.40
C TYR B 254 -0.38 -5.72 -10.46
N THR B 255 0.23 -6.84 -10.83
CA THR B 255 1.17 -6.91 -11.95
C THR B 255 1.01 -8.25 -12.65
N SER B 256 0.54 -8.22 -13.88
CA SER B 256 0.30 -9.45 -14.64
C SER B 256 1.04 -9.43 -15.97
N GLY B 257 1.37 -10.63 -16.45
CA GLY B 257 2.11 -10.77 -17.69
C GLY B 257 2.53 -12.21 -17.91
N HIS B 258 3.75 -12.41 -18.37
CA HIS B 258 4.25 -13.74 -18.69
C HIS B 258 4.46 -14.61 -17.45
N LYS B 259 4.87 -15.85 -17.67
CA LYS B 259 5.01 -16.84 -16.60
C LYS B 259 6.08 -16.47 -15.56
N GLU B 260 7.35 -16.64 -15.93
CA GLU B 260 8.44 -16.55 -14.98
C GLU B 260 8.58 -15.18 -14.31
N ILE B 261 8.11 -14.13 -14.97
CA ILE B 261 8.21 -12.78 -14.42
C ILE B 261 7.40 -12.65 -13.13
N ILE B 262 6.16 -13.10 -13.16
CA ILE B 262 5.25 -12.96 -12.03
C ILE B 262 5.57 -13.98 -10.94
N GLU B 263 6.29 -15.02 -11.30
CA GLU B 263 6.74 -16.00 -10.32
C GLU B 263 7.94 -15.44 -9.57
N TRP B 264 8.82 -14.78 -10.32
CA TRP B 264 10.00 -14.13 -9.74
C TRP B 264 9.57 -13.02 -8.78
N LEU B 265 8.62 -12.20 -9.22
CA LEU B 265 8.09 -11.13 -8.38
C LEU B 265 7.50 -11.71 -7.09
N ARG B 266 6.76 -12.81 -7.24
CA ARG B 266 6.12 -13.47 -6.10
C ARG B 266 7.15 -14.02 -5.11
N ASN B 267 8.41 -14.06 -5.53
CA ASN B 267 9.49 -14.54 -4.68
C ASN B 267 10.46 -13.46 -4.25
N ARG B 268 10.45 -12.32 -4.95
CA ARG B 268 11.47 -11.29 -4.73
C ARG B 268 10.92 -9.87 -4.55
N SER B 269 9.66 -9.65 -4.92
CA SER B 269 9.08 -8.32 -4.82
C SER B 269 8.87 -7.91 -3.36
N ARG B 270 9.67 -6.95 -2.92
CA ARG B 270 9.70 -6.56 -1.50
C ARG B 270 8.33 -6.22 -0.89
N PRO B 271 7.55 -5.35 -1.54
CA PRO B 271 6.23 -5.00 -1.02
C PRO B 271 5.33 -6.22 -0.89
N TYR B 272 5.65 -7.27 -1.64
CA TYR B 272 4.85 -8.49 -1.62
C TYR B 272 5.31 -9.45 -0.53
N LEU B 273 6.57 -9.30 -0.12
CA LEU B 273 7.16 -10.17 0.90
C LEU B 273 7.12 -9.53 2.28
N PHE B 274 6.86 -8.22 2.32
CA PHE B 274 6.92 -7.48 3.58
C PHE B 274 5.70 -6.59 3.83
N SER B 275 4.56 -6.96 3.26
CA SER B 275 3.33 -6.22 3.48
C SER B 275 2.12 -7.15 3.61
N ASN B 276 1.18 -6.75 4.45
CA ASN B 276 -0.02 -7.55 4.70
C ASN B 276 -0.78 -7.87 3.42
N THR B 277 -1.36 -9.07 3.39
CA THR B 277 -2.15 -9.49 2.23
C THR B 277 -3.38 -8.61 2.07
N VAL B 278 -3.84 -8.43 0.84
CA VAL B 278 -5.04 -7.66 0.57
C VAL B 278 -6.21 -8.24 1.36
N ALA B 279 -7.05 -7.36 1.89
CA ALA B 279 -8.22 -7.78 2.65
C ALA B 279 -9.12 -8.69 1.83
N PRO B 280 -9.54 -9.82 2.41
CA PRO B 280 -10.41 -10.78 1.73
C PRO B 280 -11.70 -10.11 1.27
N VAL B 281 -12.21 -9.19 2.07
CA VAL B 281 -13.43 -8.45 1.75
C VAL B 281 -13.33 -7.84 0.36
N ILE B 282 -12.14 -7.31 0.05
CA ILE B 282 -11.92 -6.62 -1.21
C ILE B 282 -11.52 -7.60 -2.31
N VAL B 283 -10.79 -8.65 -1.96
CA VAL B 283 -10.37 -9.66 -2.92
C VAL B 283 -11.57 -10.31 -3.60
N ALA B 284 -12.45 -10.90 -2.80
CA ALA B 284 -13.63 -11.58 -3.30
C ALA B 284 -14.60 -10.62 -3.98
N THR B 285 -14.78 -9.44 -3.40
CA THR B 285 -15.65 -8.43 -4.00
C THR B 285 -15.16 -8.10 -5.40
N SER B 286 -13.84 -7.93 -5.52
CA SER B 286 -13.22 -7.68 -6.82
C SER B 286 -13.58 -8.79 -7.81
N LEU B 287 -13.67 -10.01 -7.32
CA LEU B 287 -14.13 -11.13 -8.15
C LEU B 287 -15.53 -10.87 -8.68
N LYS B 288 -16.36 -10.23 -7.86
CA LYS B 288 -17.71 -9.88 -8.28
C LYS B 288 -17.65 -8.77 -9.33
N VAL B 289 -16.74 -7.83 -9.14
CA VAL B 289 -16.55 -6.75 -10.09
C VAL B 289 -16.33 -7.30 -11.50
N LEU B 290 -15.45 -8.29 -11.61
CA LEU B 290 -15.10 -8.86 -12.90
C LEU B 290 -16.27 -9.59 -13.56
N GLU B 291 -17.07 -10.27 -12.74
CA GLU B 291 -18.28 -10.92 -13.26
C GLU B 291 -19.21 -9.89 -13.87
N LEU B 292 -19.47 -8.81 -13.13
CA LEU B 292 -20.29 -7.72 -13.65
C LEU B 292 -19.78 -7.23 -14.99
N LEU B 293 -18.46 -7.09 -15.10
CA LEU B 293 -17.84 -6.58 -16.31
C LEU B 293 -18.09 -7.49 -17.51
N LYS B 294 -18.83 -8.57 -17.27
CA LYS B 294 -19.22 -9.49 -18.34
C LYS B 294 -20.61 -9.17 -18.88
N THR B 295 -21.49 -8.71 -17.98
CA THR B 295 -22.88 -8.45 -18.34
C THR B 295 -23.21 -6.96 -18.40
N GLU B 296 -22.92 -6.24 -17.31
CA GLU B 296 -23.20 -4.80 -17.25
C GLU B 296 -22.10 -3.97 -17.91
N GLY B 297 -20.96 -4.60 -18.15
CA GLY B 297 -19.82 -3.93 -18.75
C GLY B 297 -20.16 -3.14 -20.01
N PRO B 298 -20.68 -3.82 -21.05
CA PRO B 298 -20.98 -3.22 -22.34
C PRO B 298 -21.73 -1.90 -22.26
N GLN B 299 -22.90 -1.91 -21.62
CA GLN B 299 -23.72 -0.70 -21.52
C GLN B 299 -22.98 0.42 -20.80
N LEU B 300 -22.35 0.08 -19.68
CA LEU B 300 -21.64 1.06 -18.86
C LEU B 300 -20.57 1.83 -19.64
N ARG B 301 -19.85 1.12 -20.51
CA ARG B 301 -18.84 1.74 -21.36
C ARG B 301 -19.52 2.68 -22.36
N LYS B 302 -20.64 2.22 -22.91
CA LYS B 302 -21.40 2.99 -23.88
C LYS B 302 -21.90 4.31 -23.28
N GLN B 303 -22.46 4.22 -22.09
CA GLN B 303 -22.97 5.40 -21.39
C GLN B 303 -21.86 6.42 -21.23
N LEU B 304 -20.69 5.96 -20.78
CA LEU B 304 -19.53 6.82 -20.60
C LEU B 304 -19.13 7.45 -21.93
N GLN B 305 -19.20 6.66 -23.01
CA GLN B 305 -18.88 7.15 -24.34
C GLN B 305 -19.79 8.31 -24.75
N GLU B 306 -21.09 8.13 -24.55
CA GLU B 306 -22.06 9.18 -24.85
C GLU B 306 -21.82 10.39 -23.95
N ASN B 307 -21.83 10.14 -22.64
CA ASN B 307 -21.59 11.18 -21.65
C ASN B 307 -20.46 12.11 -22.05
N SER B 308 -19.29 11.53 -22.31
CA SER B 308 -18.10 12.30 -22.67
C SER B 308 -18.38 13.21 -23.86
N ARG B 309 -18.88 12.64 -24.95
CA ARG B 309 -19.20 13.41 -26.14
C ARG B 309 -20.13 14.56 -25.81
N TYR B 310 -21.20 14.25 -25.08
CA TYR B 310 -22.20 15.25 -24.71
C TYR B 310 -21.56 16.43 -24.01
N PHE B 311 -20.82 16.15 -22.94
CA PHE B 311 -20.14 17.19 -22.17
C PHE B 311 -19.13 17.93 -23.03
N ARG B 312 -18.41 17.19 -23.86
CA ARG B 312 -17.45 17.77 -24.80
C ARG B 312 -18.10 18.90 -25.59
N ALA B 313 -19.12 18.53 -26.38
CA ALA B 313 -19.82 19.48 -27.24
C ALA B 313 -20.45 20.63 -26.46
N GLY B 314 -21.11 20.30 -25.35
CA GLY B 314 -21.76 21.31 -24.52
C GLY B 314 -20.82 22.41 -24.05
N MSE B 315 -19.58 22.04 -23.74
CA MSE B 315 -18.61 23.01 -23.25
C MSE B 315 -18.02 23.84 -24.39
O MSE B 315 -17.56 24.97 -24.16
CB MSE B 315 -17.49 22.29 -22.48
CG MSE B 315 -17.95 21.61 -21.20
SE MSE B 315 -18.31 22.86 -19.76
CE MSE B 315 -16.47 23.41 -19.39
N GLU B 316 -18.02 23.28 -25.59
CA GLU B 316 -17.50 23.98 -26.76
C GLU B 316 -18.48 25.05 -27.23
N LYS B 317 -19.76 24.82 -26.95
CA LYS B 317 -20.80 25.81 -27.24
C LYS B 317 -20.48 27.09 -26.48
N LEU B 318 -19.97 26.93 -25.27
CA LEU B 318 -19.66 28.06 -24.40
C LEU B 318 -18.28 28.62 -24.70
N GLY B 319 -17.61 28.05 -25.69
CA GLY B 319 -16.31 28.52 -26.12
C GLY B 319 -15.18 28.02 -25.24
N PHE B 320 -15.48 27.08 -24.36
CA PHE B 320 -14.45 26.52 -23.47
C PHE B 320 -13.39 25.76 -24.27
N GLN B 321 -12.13 25.89 -23.83
CA GLN B 321 -11.03 25.21 -24.48
C GLN B 321 -10.67 23.91 -23.77
N LEU B 322 -10.88 22.78 -24.44
CA LEU B 322 -10.57 21.49 -23.87
C LEU B 322 -9.31 20.91 -24.51
N VAL B 323 -8.95 19.71 -24.07
CA VAL B 323 -7.85 18.97 -24.68
C VAL B 323 -8.43 17.80 -25.46
N PRO B 324 -8.22 17.80 -26.78
CA PRO B 324 -8.79 16.76 -27.66
C PRO B 324 -8.45 15.37 -27.16
N GLY B 325 -9.47 14.55 -26.93
CA GLY B 325 -9.25 13.19 -26.46
C GLY B 325 -10.50 12.32 -26.52
N ASN B 326 -10.30 11.02 -26.33
CA ASN B 326 -11.39 10.06 -26.33
C ASN B 326 -11.45 9.33 -24.99
N HIS B 327 -11.43 10.09 -23.90
CA HIS B 327 -11.30 9.52 -22.57
C HIS B 327 -12.23 10.19 -21.56
N PRO B 328 -12.64 9.45 -20.52
CA PRO B 328 -13.46 9.99 -19.43
C PRO B 328 -12.81 11.20 -18.76
N ILE B 329 -11.53 11.43 -19.02
CA ILE B 329 -10.82 12.56 -18.44
C ILE B 329 -10.84 13.76 -19.38
N ILE B 330 -11.69 14.73 -19.07
CA ILE B 330 -11.84 15.92 -19.90
C ILE B 330 -11.24 17.14 -19.23
N PRO B 331 -10.02 17.50 -19.65
CA PRO B 331 -9.31 18.68 -19.10
C PRO B 331 -9.90 19.97 -19.64
N VAL B 332 -10.28 20.88 -18.74
CA VAL B 332 -10.77 22.18 -19.16
C VAL B 332 -9.67 23.23 -19.01
N MSE B 333 -8.98 23.51 -20.11
CA MSE B 333 -7.85 24.44 -20.10
C MSE B 333 -8.24 25.83 -19.59
O MSE B 333 -9.11 26.50 -20.15
CB MSE B 333 -7.23 24.55 -21.49
CG MSE B 333 -6.55 23.29 -21.97
SE MSE B 333 -5.32 22.57 -20.63
CE MSE B 333 -4.33 24.21 -20.24
N LEU B 334 -7.57 26.25 -18.51
CA LEU B 334 -7.90 27.52 -17.86
C LEU B 334 -6.74 28.52 -17.89
N GLY B 335 -5.54 28.01 -18.13
CA GLY B 335 -4.36 28.87 -18.22
C GLY B 335 -3.68 29.15 -16.90
N ASP B 336 -4.21 30.12 -16.15
CA ASP B 336 -3.58 30.55 -14.90
C ASP B 336 -4.18 29.89 -13.65
N ALA B 337 -3.36 29.78 -12.61
CA ALA B 337 -3.73 29.08 -11.39
C ALA B 337 -4.94 29.68 -10.66
N GLN B 338 -4.98 31.01 -10.58
CA GLN B 338 -6.08 31.67 -9.87
C GLN B 338 -7.44 31.30 -10.46
N LEU B 339 -7.54 31.34 -11.79
CA LEU B 339 -8.78 30.99 -12.46
C LEU B 339 -9.25 29.60 -12.04
N ALA B 340 -8.34 28.64 -12.10
CA ALA B 340 -8.67 27.26 -11.79
C ALA B 340 -9.30 27.08 -10.41
N THR B 341 -8.62 27.60 -9.38
CA THR B 341 -9.06 27.43 -8.01
C THR B 341 -10.31 28.25 -7.72
N ASN B 342 -10.34 29.50 -8.18
CA ASN B 342 -11.50 30.37 -7.98
C ASN B 342 -12.74 29.86 -8.70
N MSE B 343 -12.55 29.34 -9.91
CA MSE B 343 -13.66 28.76 -10.68
C MSE B 343 -14.12 27.46 -10.03
O MSE B 343 -15.31 27.17 -10.01
CB MSE B 343 -13.22 28.51 -12.13
CG MSE B 343 -14.26 27.75 -12.96
SE MSE B 343 -13.88 27.78 -14.88
CE MSE B 343 -14.02 29.70 -15.19
N ALA B 344 -13.17 26.69 -9.51
CA ALA B 344 -13.51 25.47 -8.78
C ALA B 344 -14.35 25.79 -7.57
N ASP B 345 -13.98 26.86 -6.87
CA ASP B 345 -14.70 27.27 -5.66
C ASP B 345 -16.12 27.72 -5.98
N HIS B 346 -16.26 28.60 -6.97
CA HIS B 346 -17.57 29.10 -7.37
C HIS B 346 -18.49 27.96 -7.80
N LEU B 347 -17.97 27.06 -8.62
CA LEU B 347 -18.73 25.90 -9.07
C LEU B 347 -19.26 25.11 -7.88
N LEU B 348 -18.43 24.93 -6.87
CA LEU B 348 -18.83 24.23 -5.66
C LEU B 348 -20.11 24.84 -5.09
N GLN B 349 -20.11 26.17 -4.96
CA GLN B 349 -21.28 26.89 -4.48
C GLN B 349 -22.43 26.78 -5.46
N GLU B 350 -22.10 26.54 -6.72
CA GLU B 350 -23.12 26.34 -7.74
C GLU B 350 -23.64 24.90 -7.73
N GLY B 351 -23.00 24.05 -6.92
CA GLY B 351 -23.45 22.68 -6.74
C GLY B 351 -22.65 21.68 -7.55
N ILE B 352 -21.49 22.10 -8.04
CA ILE B 352 -20.63 21.21 -8.81
C ILE B 352 -19.25 21.13 -8.19
N TYR B 353 -18.80 19.92 -7.87
CA TYR B 353 -17.50 19.73 -7.25
C TYR B 353 -16.44 19.21 -8.23
N VAL B 354 -15.52 20.10 -8.59
CA VAL B 354 -14.38 19.73 -9.42
C VAL B 354 -13.11 20.34 -8.84
N VAL B 355 -11.97 19.72 -9.11
CA VAL B 355 -10.69 20.20 -8.59
C VAL B 355 -9.78 20.72 -9.70
N GLY B 356 -9.27 21.94 -9.52
CA GLY B 356 -8.35 22.52 -10.46
C GLY B 356 -6.91 22.18 -10.10
N PHE B 357 -6.05 22.15 -11.12
CA PHE B 357 -4.65 21.81 -10.90
C PHE B 357 -3.74 22.83 -11.59
N SER B 358 -2.62 23.13 -10.96
CA SER B 358 -1.62 24.03 -11.53
C SER B 358 -0.24 23.66 -11.00
N TYR B 359 0.80 24.31 -11.53
CA TYR B 359 2.17 24.03 -11.14
C TYR B 359 2.27 23.79 -9.63
N PRO B 360 3.03 22.75 -9.24
CA PRO B 360 3.81 21.90 -10.14
C PRO B 360 2.99 20.77 -10.78
N VAL B 361 1.76 20.57 -10.34
CA VAL B 361 0.92 19.50 -10.87
C VAL B 361 0.88 19.52 -12.40
N VAL B 362 0.96 20.72 -12.98
CA VAL B 362 1.01 20.87 -14.42
C VAL B 362 1.97 22.02 -14.78
N PRO B 363 2.36 22.10 -16.07
CA PRO B 363 3.28 23.16 -16.52
C PRO B 363 2.76 24.57 -16.21
N MSE B 364 3.68 25.52 -16.16
CA MSE B 364 3.34 26.91 -15.85
C MSE B 364 2.41 27.53 -16.89
O MSE B 364 2.51 27.23 -18.08
CB MSE B 364 4.60 27.76 -15.69
CG MSE B 364 5.22 27.67 -14.32
SE MSE B 364 3.94 28.25 -12.97
CE MSE B 364 3.40 29.94 -13.80
N GLY B 365 1.53 28.41 -16.43
CA GLY B 365 0.60 29.10 -17.31
C GLY B 365 -0.26 28.13 -18.10
N LYS B 366 -0.49 26.95 -17.53
CA LYS B 366 -1.28 25.92 -18.19
C LYS B 366 -2.18 25.20 -17.19
N ALA B 367 -2.75 25.96 -16.25
CA ALA B 367 -3.67 25.40 -15.27
C ALA B 367 -4.89 24.81 -15.97
N ARG B 368 -5.73 24.11 -15.22
CA ARG B 368 -6.87 23.42 -15.82
C ARG B 368 -7.75 22.76 -14.77
N ILE B 369 -9.05 22.67 -15.07
CA ILE B 369 -9.96 21.86 -14.27
C ILE B 369 -10.09 20.49 -14.93
N ARG B 370 -9.73 19.44 -14.21
CA ARG B 370 -9.87 18.09 -14.74
C ARG B 370 -11.24 17.52 -14.41
N VAL B 371 -12.15 17.55 -15.38
CA VAL B 371 -13.48 16.98 -15.20
C VAL B 371 -13.47 15.51 -15.58
N GLN B 372 -13.98 14.66 -14.68
CA GLN B 372 -13.96 13.23 -14.91
C GLN B 372 -15.36 12.65 -15.10
N MSE B 373 -15.57 11.97 -16.22
CA MSE B 373 -16.86 11.40 -16.55
C MSE B 373 -17.09 10.05 -15.87
O MSE B 373 -16.15 9.29 -15.67
CB MSE B 373 -16.99 11.23 -18.07
CG MSE B 373 -16.84 12.51 -18.87
SE MSE B 373 -18.28 13.77 -18.48
CE MSE B 373 -19.70 12.47 -18.11
N SER B 374 -18.34 9.78 -15.51
CA SER B 374 -18.73 8.48 -14.97
C SER B 374 -19.84 7.89 -15.82
N ALA B 375 -20.06 6.58 -15.67
CA ALA B 375 -21.14 5.93 -16.39
C ALA B 375 -22.48 6.26 -15.76
N VAL B 376 -22.48 6.52 -14.45
CA VAL B 376 -23.70 6.83 -13.73
C VAL B 376 -24.03 8.32 -13.77
N HIS B 377 -23.49 9.01 -14.75
CA HIS B 377 -23.78 10.43 -14.96
C HIS B 377 -24.99 10.60 -15.87
N THR B 378 -25.97 11.37 -15.42
CA THR B 378 -27.19 11.58 -16.18
C THR B 378 -27.03 12.79 -17.10
N GLN B 379 -27.80 12.82 -18.18
CA GLN B 379 -27.78 13.95 -19.10
C GLN B 379 -28.15 15.24 -18.36
N GLN B 380 -29.14 15.14 -17.48
CA GLN B 380 -29.59 16.28 -16.68
C GLN B 380 -28.43 16.84 -15.85
N GLN B 381 -27.72 15.95 -15.18
CA GLN B 381 -26.57 16.31 -14.36
C GLN B 381 -25.50 16.97 -15.22
N LEU B 382 -25.39 16.52 -16.47
CA LEU B 382 -24.45 17.10 -17.41
C LEU B 382 -24.86 18.53 -17.79
N ASP B 383 -26.17 18.73 -17.96
CA ASP B 383 -26.71 20.04 -18.27
C ASP B 383 -26.52 21.02 -17.11
N ARG B 384 -26.72 20.53 -15.89
CA ARG B 384 -26.52 21.35 -14.69
C ARG B 384 -25.06 21.77 -14.59
N ALA B 385 -24.16 20.82 -14.81
CA ALA B 385 -22.72 21.09 -14.75
C ALA B 385 -22.29 22.06 -15.84
N ILE B 386 -22.56 21.68 -17.09
CA ILE B 386 -22.23 22.53 -18.24
C ILE B 386 -22.79 23.93 -18.01
N GLU B 387 -24.02 24.00 -17.50
CA GLU B 387 -24.65 25.27 -17.17
C GLU B 387 -23.78 26.07 -16.20
N ALA B 388 -23.36 25.41 -15.12
CA ALA B 388 -22.56 26.06 -14.08
C ALA B 388 -21.23 26.58 -14.63
N PHE B 389 -20.63 25.83 -15.55
CA PHE B 389 -19.36 26.24 -16.15
C PHE B 389 -19.52 27.50 -16.99
N GLY B 390 -20.68 27.66 -17.60
CA GLY B 390 -20.99 28.86 -18.35
C GLY B 390 -21.14 30.06 -17.43
N GLN B 391 -22.06 29.94 -16.47
CA GLN B 391 -22.32 31.00 -15.50
C GLN B 391 -21.03 31.51 -14.87
N VAL B 392 -20.19 30.57 -14.45
CA VAL B 392 -18.94 30.91 -13.78
C VAL B 392 -17.90 31.43 -14.76
N GLY B 393 -17.86 30.85 -15.96
CA GLY B 393 -16.92 31.27 -16.97
C GLY B 393 -17.15 32.72 -17.39
N LYS B 394 -18.42 33.09 -17.54
CA LYS B 394 -18.77 34.46 -17.90
C LYS B 394 -18.38 35.42 -16.79
N LYS B 395 -18.79 35.08 -15.57
CA LYS B 395 -18.56 35.93 -14.40
C LYS B 395 -17.08 36.16 -14.12
N LEU B 396 -16.29 35.08 -14.19
CA LEU B 396 -14.86 35.19 -13.93
C LEU B 396 -14.11 35.75 -15.15
N GLY B 397 -14.84 35.98 -16.24
CA GLY B 397 -14.28 36.59 -17.42
C GLY B 397 -13.44 35.64 -18.27
N ALA B 398 -13.77 34.35 -18.20
CA ALA B 398 -13.04 33.33 -18.94
C ALA B 398 -13.62 33.06 -20.32
N ILE B 399 -14.91 33.32 -20.47
CA ILE B 399 -15.58 33.08 -21.75
C ILE B 399 -16.57 34.19 -22.09
N1 PLP C . 6.91 -2.28 9.42
C2 PLP C . 6.91 -3.30 10.29
C2A PLP C . 7.87 -3.27 11.44
C3 PLP C . 6.05 -4.37 10.15
O3 PLP C . 6.07 -5.40 11.06
C4 PLP C . 5.16 -4.37 9.07
C4A PLP C . 4.20 -5.49 8.85
O4A PLP C . 4.47 -6.63 9.22
C5 PLP C . 5.18 -3.30 8.19
C6 PLP C . 6.07 -2.26 8.38
C5A PLP C . 4.26 -3.27 7.02
O4P PLP C . 2.94 -2.95 7.29
P PLP C . 1.79 -3.45 6.36
O1P PLP C . 1.64 -4.94 6.48
O2P PLP C . 2.12 -3.10 4.92
O3P PLP C . 0.52 -2.76 6.77
N1 PLP D . -0.67 4.34 -11.45
C2 PLP D . -1.37 5.37 -11.94
C2A PLP D . -1.23 5.73 -13.38
C3 PLP D . -2.21 6.11 -11.13
O3 PLP D . -2.93 7.16 -11.63
C4 PLP D . -2.33 5.75 -9.79
C4A PLP D . -3.24 6.52 -8.88
O4A PLP D . -2.80 7.47 -8.26
C5 PLP D . -1.59 4.68 -9.31
C6 PLP D . -0.75 3.97 -10.16
C5A PLP D . -1.67 4.26 -7.88
O4P PLP D . -2.55 3.24 -7.58
P PLP D . -3.07 3.07 -6.13
O1P PLP D . -4.06 4.18 -5.84
O2P PLP D . -1.92 3.18 -5.17
O3P PLP D . -3.74 1.73 -5.98
#